data_7ZQ3
#
_entry.id   7ZQ3
#
_cell.length_a   141.984
_cell.length_b   148.511
_cell.length_c   74.055
_cell.angle_alpha   90.000
_cell.angle_beta   90.000
_cell.angle_gamma   90.000
#
_symmetry.space_group_name_H-M   'C 2 2 2'
#
loop_
_entity.id
_entity.type
_entity.pdbx_description
1 polymer 'Glyceraldehyde-3-phosphate dehydrogenase A, chloroplastic'
2 non-polymer 'NADPH DIHYDRO-NICOTINAMIDE-ADENINE-DINUCLEOTIDE PHOSPHATE'
3 non-polymer 'SULFATE ION'
4 water water
#
_entity_poly.entity_id   1
_entity_poly.type   'polypeptide(L)'
_entity_poly.pdbx_seq_one_letter_code
;MHHHHHHMEKKIRVAINGFGRIGRNFLRCWHGRQNTLLDVVAINDSGGVKQASHLLKYDSTLGTFAADVKIVDDSHISVD
GKQIKIVSSRDPLQLPWKEMNIDLVIEGTGVFIDKVGAGKHIQAGASKVLITAPAKDKDIPTFVVGVNEGDYKHEYPIIS
NASCTTNCLAPFVKVLEQKFGIVKGTMTTTHSYTGDQRLLDASHRDLRRARAAALNIVPTTTGAAKAVSLVLPSLKGKLN
GIALRVPTPTVSVVDLVVQVEKKTFAEEVNAAFREAANGPMKGVLHVEDAPLVSIDFKCTDQSTSIDASLTMVMGDDMVK
VVAWYDNEWGYSQRVVDLAEVTAKKWVA
;
_entity_poly.pdbx_strand_id   O,R
#
loop_
_chem_comp.id
_chem_comp.type
_chem_comp.name
_chem_comp.formula
NDP non-polymer 'NADPH DIHYDRO-NICOTINAMIDE-ADENINE-DINUCLEOTIDE PHOSPHATE' 'C21 H30 N7 O17 P3'
SO4 non-polymer 'SULFATE ION' 'O4 S -2'
#
# COMPACT_ATOMS: atom_id res chain seq x y z
N LYS A 10 -14.33 -37.44 -13.35
CA LYS A 10 -14.36 -36.61 -14.55
C LYS A 10 -14.09 -35.13 -14.26
N LYS A 11 -14.86 -34.50 -13.38
CA LYS A 11 -14.43 -33.22 -12.82
C LYS A 11 -13.46 -33.47 -11.66
N ILE A 12 -12.53 -32.54 -11.46
CA ILE A 12 -11.64 -32.60 -10.31
C ILE A 12 -12.05 -31.52 -9.31
N ARG A 13 -11.76 -31.81 -8.05
CA ARG A 13 -12.13 -30.96 -6.93
C ARG A 13 -10.97 -30.02 -6.63
N VAL A 14 -11.23 -28.71 -6.69
CA VAL A 14 -10.20 -27.68 -6.60
C VAL A 14 -10.38 -26.83 -5.34
N ALA A 15 -9.27 -26.57 -4.64
CA ALA A 15 -9.18 -25.57 -3.57
C ALA A 15 -8.29 -24.41 -4.01
N ILE A 16 -8.68 -23.18 -3.67
CA ILE A 16 -7.85 -22.01 -3.93
C ILE A 16 -7.21 -21.61 -2.61
N ASN A 17 -5.89 -21.62 -2.54
CA ASN A 17 -5.18 -21.17 -1.35
C ASN A 17 -4.59 -19.81 -1.64
N GLY A 18 -5.10 -18.78 -1.00
CA GLY A 18 -4.66 -17.42 -1.34
C GLY A 18 -5.69 -16.74 -2.21
N PHE A 19 -6.69 -16.12 -1.58
CA PHE A 19 -7.80 -15.47 -2.32
C PHE A 19 -7.47 -14.00 -2.55
N GLY A 20 -6.33 -13.78 -3.19
CA GLY A 20 -5.93 -12.42 -3.54
C GLY A 20 -6.27 -12.06 -4.98
N ARG A 21 -5.44 -11.20 -5.55
CA ARG A 21 -5.78 -10.76 -6.88
C ARG A 21 -5.86 -11.94 -7.85
N ILE A 22 -4.85 -12.82 -7.83
CA ILE A 22 -4.88 -13.96 -8.74
C ILE A 22 -5.92 -14.99 -8.30
N GLY A 23 -6.05 -15.23 -6.99
CA GLY A 23 -7.08 -16.17 -6.54
C GLY A 23 -8.48 -15.75 -6.94
N ARG A 24 -8.79 -14.46 -6.80
CA ARG A 24 -10.12 -13.98 -7.17
C ARG A 24 -10.31 -13.86 -8.67
N ASN A 25 -9.27 -13.45 -9.42
CA ASN A 25 -9.36 -13.48 -10.87
C ASN A 25 -9.57 -14.89 -11.38
N PHE A 26 -8.86 -15.85 -10.77
CA PHE A 26 -9.02 -17.26 -11.17
C PHE A 26 -10.46 -17.71 -10.98
N LEU A 27 -11.09 -17.38 -9.85
CA LEU A 27 -12.48 -17.86 -9.64
C LEU A 27 -13.42 -17.24 -10.70
N ARG A 28 -13.25 -15.97 -10.98
CA ARG A 28 -14.14 -15.32 -11.95
C ARG A 28 -13.86 -15.85 -13.37
N CYS A 29 -12.59 -16.14 -13.66
CA CYS A 29 -12.27 -16.70 -14.99
C CYS A 29 -12.89 -18.09 -15.11
N TRP A 30 -12.73 -18.90 -14.07
CA TRP A 30 -13.33 -20.23 -14.09
C TRP A 30 -14.84 -20.15 -14.22
N HIS A 31 -15.47 -19.25 -13.45
CA HIS A 31 -16.91 -19.18 -13.47
C HIS A 31 -17.44 -18.79 -14.84
N GLY A 32 -16.67 -18.02 -15.60
CA GLY A 32 -17.15 -17.63 -16.90
C GLY A 32 -16.95 -18.64 -18.00
N ARG A 33 -16.31 -19.77 -17.71
CA ARG A 33 -16.09 -20.79 -18.75
C ARG A 33 -17.41 -21.48 -19.09
N GLN A 34 -17.65 -21.58 -20.39
CA GLN A 34 -18.73 -22.39 -20.97
C GLN A 34 -18.73 -23.80 -20.40
N ASN A 35 -17.59 -24.46 -20.45
CA ASN A 35 -17.39 -25.86 -20.11
C ASN A 35 -16.14 -25.95 -19.26
N THR A 36 -16.17 -26.78 -18.23
CA THR A 36 -15.03 -26.94 -17.36
C THR A 36 -15.03 -28.33 -16.74
N LEU A 37 -13.82 -28.86 -16.54
CA LEU A 37 -13.60 -30.04 -15.71
C LEU A 37 -13.18 -29.71 -14.30
N LEU A 38 -13.33 -28.46 -13.86
CA LEU A 38 -12.92 -28.05 -12.52
C LEU A 38 -14.15 -27.77 -11.66
N ASP A 39 -14.14 -28.28 -10.43
CA ASP A 39 -15.19 -28.02 -9.43
C ASP A 39 -14.50 -27.28 -8.28
N VAL A 40 -14.65 -25.96 -8.20
CA VAL A 40 -14.04 -25.21 -7.09
C VAL A 40 -14.90 -25.41 -5.85
N VAL A 41 -14.35 -26.07 -4.83
CA VAL A 41 -15.11 -26.43 -3.65
C VAL A 41 -14.59 -25.78 -2.37
N ALA A 42 -13.41 -25.19 -2.36
CA ALA A 42 -12.88 -24.64 -1.13
C ALA A 42 -11.98 -23.44 -1.42
N ILE A 43 -12.04 -22.43 -0.55
CA ILE A 43 -11.20 -21.24 -0.63
C ILE A 43 -10.64 -20.97 0.75
N ASN A 44 -9.33 -20.83 0.85
CA ASN A 44 -8.68 -20.45 2.11
C ASN A 44 -8.48 -18.93 2.10
N ASP A 45 -9.25 -18.24 2.94
CA ASP A 45 -9.26 -16.78 3.07
C ASP A 45 -9.29 -16.47 4.56
N SER A 46 -8.23 -15.84 5.09
CA SER A 46 -8.18 -15.55 6.52
C SER A 46 -9.20 -14.50 6.97
N GLY A 47 -9.86 -13.79 6.06
CA GLY A 47 -10.94 -12.91 6.44
C GLY A 47 -12.30 -13.56 6.46
N GLY A 48 -12.37 -14.87 6.21
CA GLY A 48 -13.60 -15.61 6.31
C GLY A 48 -14.60 -15.23 5.25
N VAL A 49 -15.83 -15.70 5.47
CA VAL A 49 -16.91 -15.49 4.51
C VAL A 49 -17.18 -14.02 4.26
N LYS A 50 -17.01 -13.17 5.28
CA LYS A 50 -17.32 -11.75 5.10
C LYS A 50 -16.41 -11.13 4.05
N GLN A 51 -15.11 -11.33 4.20
CA GLN A 51 -14.12 -10.78 3.28
C GLN A 51 -14.16 -11.46 1.91
N ALA A 52 -14.27 -12.79 1.89
CA ALA A 52 -14.23 -13.51 0.61
C ALA A 52 -15.42 -13.13 -0.24
N SER A 53 -16.62 -13.06 0.37
CA SER A 53 -17.78 -12.71 -0.43
C SER A 53 -17.68 -11.28 -0.93
N HIS A 54 -17.25 -10.36 -0.06
CA HIS A 54 -17.27 -8.96 -0.45
C HIS A 54 -16.26 -8.66 -1.55
N LEU A 55 -15.02 -9.12 -1.40
CA LEU A 55 -14.01 -8.81 -2.41
C LEU A 55 -14.17 -9.62 -3.70
N LEU A 56 -14.90 -10.74 -3.64
CA LEU A 56 -15.27 -11.43 -4.88
C LEU A 56 -16.31 -10.64 -5.67
N LYS A 57 -17.30 -10.07 -4.99
CA LYS A 57 -18.37 -9.32 -5.64
C LYS A 57 -17.91 -7.97 -6.18
N TYR A 58 -17.11 -7.23 -5.40
CA TYR A 58 -16.75 -5.86 -5.74
C TYR A 58 -15.26 -5.80 -6.00
N ASP A 59 -14.90 -5.22 -7.14
CA ASP A 59 -13.52 -5.26 -7.57
C ASP A 59 -13.17 -3.96 -8.28
N SER A 60 -12.13 -3.29 -7.79
CA SER A 60 -11.75 -1.99 -8.34
C SER A 60 -11.23 -2.06 -9.76
N THR A 61 -10.71 -3.19 -10.23
CA THR A 61 -10.34 -3.23 -11.64
C THR A 61 -11.20 -4.13 -12.49
N LEU A 62 -11.77 -5.20 -11.93
CA LEU A 62 -12.66 -6.03 -12.75
C LEU A 62 -14.10 -5.54 -12.78
N GLY A 63 -14.49 -4.62 -11.90
CA GLY A 63 -15.87 -4.24 -11.81
C GLY A 63 -16.67 -5.25 -11.01
N THR A 64 -17.94 -4.94 -10.84
CA THR A 64 -18.81 -5.80 -10.01
C THR A 64 -19.06 -7.15 -10.71
N PHE A 65 -18.93 -8.23 -9.97
CA PHE A 65 -19.23 -9.59 -10.49
C PHE A 65 -20.73 -9.69 -10.69
N ALA A 66 -21.11 -10.15 -11.88
CA ALA A 66 -22.55 -10.21 -12.19
C ALA A 66 -23.23 -11.41 -11.51
N ALA A 67 -22.46 -12.34 -10.99
CA ALA A 67 -23.06 -13.48 -10.32
C ALA A 67 -23.62 -13.06 -8.96
N ASP A 68 -24.61 -13.82 -8.50
CA ASP A 68 -25.15 -13.63 -7.16
C ASP A 68 -24.18 -14.24 -6.15
N VAL A 69 -23.60 -13.40 -5.29
CA VAL A 69 -22.64 -13.86 -4.29
C VAL A 69 -23.29 -13.69 -2.92
N LYS A 70 -23.41 -14.78 -2.17
CA LYS A 70 -24.09 -14.76 -0.88
C LYS A 70 -23.25 -15.44 0.19
N ILE A 71 -23.45 -15.01 1.44
CA ILE A 71 -22.90 -15.70 2.60
C ILE A 71 -23.95 -16.70 3.06
N VAL A 72 -23.62 -17.99 2.92
CA VAL A 72 -24.53 -19.09 3.30
C VAL A 72 -24.59 -19.25 4.81
N ASP A 73 -23.43 -19.44 5.42
CA ASP A 73 -23.28 -19.57 6.86
C ASP A 73 -21.84 -19.16 7.21
N ASP A 74 -21.43 -19.44 8.43
CA ASP A 74 -20.12 -19.03 8.90
CA ASP A 74 -20.11 -18.99 8.86
C ASP A 74 -18.96 -19.60 8.09
N SER A 75 -19.19 -20.67 7.31
CA SER A 75 -18.06 -21.26 6.58
C SER A 75 -18.38 -21.56 5.12
N HIS A 76 -19.44 -20.98 4.56
CA HIS A 76 -19.76 -21.16 3.15
C HIS A 76 -20.22 -19.87 2.50
N ILE A 77 -19.75 -19.63 1.28
CA ILE A 77 -20.41 -18.67 0.40
C ILE A 77 -21.09 -19.44 -0.72
N SER A 78 -21.85 -18.73 -1.52
CA SER A 78 -22.42 -19.31 -2.72
C SER A 78 -22.28 -18.33 -3.87
N VAL A 79 -22.03 -18.87 -5.06
CA VAL A 79 -21.89 -18.08 -6.27
C VAL A 79 -22.92 -18.66 -7.23
N ASP A 80 -23.95 -17.86 -7.54
CA ASP A 80 -25.08 -18.34 -8.34
C ASP A 80 -25.60 -19.67 -7.80
N GLY A 81 -25.70 -19.76 -6.48
CA GLY A 81 -26.26 -20.94 -5.83
C GLY A 81 -25.28 -22.06 -5.52
N LYS A 82 -24.07 -22.04 -6.07
CA LYS A 82 -23.11 -23.11 -5.88
C LYS A 82 -22.27 -22.77 -4.66
N GLN A 83 -22.29 -23.66 -3.68
CA GLN A 83 -21.62 -23.39 -2.41
C GLN A 83 -20.14 -23.71 -2.47
N ILE A 84 -19.35 -22.83 -1.86
CA ILE A 84 -17.92 -23.00 -1.69
C ILE A 84 -17.61 -22.90 -0.20
N LYS A 85 -16.84 -23.85 0.29
CA LYS A 85 -16.36 -23.82 1.66
CA LYS A 85 -16.37 -23.81 1.66
C LYS A 85 -15.27 -22.77 1.82
N ILE A 86 -15.37 -21.93 2.85
CA ILE A 86 -14.32 -20.98 3.20
C ILE A 86 -13.62 -21.51 4.45
N VAL A 87 -12.31 -21.69 4.36
CA VAL A 87 -11.45 -22.06 5.48
C VAL A 87 -10.46 -20.93 5.74
N SER A 88 -9.80 -20.96 6.91
CA SER A 88 -8.95 -19.85 7.34
C SER A 88 -7.82 -20.43 8.20
N SER A 89 -6.76 -20.89 7.54
CA SER A 89 -5.54 -21.35 8.21
C SER A 89 -4.32 -20.79 7.51
N ARG A 90 -3.41 -20.18 8.28
CA ARG A 90 -2.14 -19.72 7.71
C ARG A 90 -1.21 -20.88 7.41
N ASP A 91 -1.46 -22.04 8.01
CA ASP A 91 -0.62 -23.22 7.89
C ASP A 91 -1.31 -24.25 7.02
N PRO A 92 -0.81 -24.55 5.82
CA PRO A 92 -1.50 -25.52 4.96
C PRO A 92 -1.64 -26.90 5.59
N LEU A 93 -0.74 -27.24 6.51
CA LEU A 93 -0.84 -28.55 7.17
C LEU A 93 -2.15 -28.69 7.93
N GLN A 94 -2.75 -27.57 8.33
CA GLN A 94 -3.98 -27.56 9.09
C GLN A 94 -5.22 -27.54 8.21
N LEU A 95 -5.07 -27.49 6.87
CA LEU A 95 -6.23 -27.39 6.01
C LEU A 95 -6.90 -28.74 5.80
N PRO A 96 -8.20 -28.78 5.62
CA PRO A 96 -8.94 -30.05 5.61
C PRO A 96 -8.96 -30.75 4.26
N TRP A 97 -7.78 -30.95 3.67
CA TRP A 97 -7.91 -31.34 2.27
C TRP A 97 -8.24 -32.82 2.11
N LYS A 98 -7.86 -33.66 3.07
CA LYS A 98 -8.23 -35.06 3.04
C LYS A 98 -9.73 -35.24 3.23
N GLU A 99 -10.27 -34.66 4.31
CA GLU A 99 -11.70 -34.58 4.55
C GLU A 99 -12.51 -34.16 3.33
N MET A 100 -12.06 -33.12 2.64
CA MET A 100 -12.80 -32.58 1.52
C MET A 100 -12.45 -33.23 0.17
N ASN A 101 -11.59 -34.24 0.15
CA ASN A 101 -11.26 -34.97 -1.08
C ASN A 101 -10.76 -34.01 -2.16
N ILE A 102 -9.82 -33.14 -1.77
CA ILE A 102 -9.28 -32.17 -2.71
C ILE A 102 -8.31 -32.85 -3.66
N ASP A 103 -8.51 -32.63 -4.95
CA ASP A 103 -7.62 -33.11 -6.01
C ASP A 103 -6.48 -32.13 -6.24
N LEU A 104 -6.82 -30.87 -6.49
CA LEU A 104 -5.87 -29.85 -6.94
C LEU A 104 -6.01 -28.59 -6.09
N VAL A 105 -4.87 -28.08 -5.60
CA VAL A 105 -4.78 -26.79 -4.88
C VAL A 105 -4.17 -25.78 -5.85
N ILE A 106 -4.87 -24.66 -6.05
CA ILE A 106 -4.28 -23.50 -6.77
C ILE A 106 -3.56 -22.69 -5.69
N GLU A 107 -2.23 -22.64 -5.75
CA GLU A 107 -1.43 -21.91 -4.76
C GLU A 107 -1.24 -20.47 -5.21
N GLY A 108 -2.05 -19.59 -4.65
CA GLY A 108 -2.04 -18.16 -5.00
C GLY A 108 -1.58 -17.27 -3.87
N THR A 109 -0.85 -17.83 -2.91
CA THR A 109 -0.42 -17.03 -1.76
C THR A 109 0.87 -16.27 -2.01
N GLY A 110 1.71 -16.71 -2.97
CA GLY A 110 3.04 -16.17 -3.03
C GLY A 110 3.96 -16.63 -1.92
N VAL A 111 3.52 -17.53 -1.06
CA VAL A 111 4.33 -17.98 0.08
C VAL A 111 4.81 -19.42 -0.13
N PHE A 112 3.90 -20.33 -0.46
CA PHE A 112 4.22 -21.76 -0.54
C PHE A 112 4.54 -22.16 -1.98
N ILE A 113 5.72 -21.71 -2.41
CA ILE A 113 6.14 -21.78 -3.80
C ILE A 113 7.36 -22.66 -3.99
N ASP A 114 7.82 -23.28 -2.94
CA ASP A 114 8.89 -24.25 -3.09
C ASP A 114 8.35 -25.63 -2.77
N LYS A 115 9.24 -26.61 -2.88
CA LYS A 115 8.78 -27.97 -2.86
C LYS A 115 8.32 -28.36 -1.44
N VAL A 116 9.04 -27.88 -0.40
CA VAL A 116 8.58 -28.12 0.97
C VAL A 116 7.27 -27.38 1.24
N GLY A 117 7.19 -26.11 0.82
CA GLY A 117 6.01 -25.33 1.17
C GLY A 117 4.77 -25.84 0.44
N ALA A 118 4.87 -25.96 -0.88
CA ALA A 118 3.71 -26.43 -1.64
C ALA A 118 3.34 -27.84 -1.24
N GLY A 119 4.36 -28.67 -0.91
CA GLY A 119 4.12 -30.03 -0.47
C GLY A 119 3.24 -30.15 0.77
N LYS A 120 3.20 -29.10 1.61
CA LYS A 120 2.31 -29.16 2.79
C LYS A 120 0.86 -29.41 2.41
N HIS A 121 0.40 -28.93 1.23
CA HIS A 121 -0.97 -29.18 0.83
C HIS A 121 -1.20 -30.65 0.52
N ILE A 122 -0.16 -31.31 0.01
CA ILE A 122 -0.27 -32.74 -0.24
C ILE A 122 -0.23 -33.51 1.08
N GLN A 123 0.67 -33.10 2.00
CA GLN A 123 0.64 -33.67 3.35
C GLN A 123 -0.74 -33.55 3.99
N ALA A 124 -1.41 -32.42 3.78
CA ALA A 124 -2.74 -32.22 4.33
C ALA A 124 -3.82 -32.98 3.58
N GLY A 125 -3.48 -33.62 2.46
CA GLY A 125 -4.40 -34.49 1.77
C GLY A 125 -4.68 -34.15 0.32
N ALA A 126 -4.20 -33.03 -0.23
CA ALA A 126 -4.44 -32.82 -1.65
C ALA A 126 -3.52 -33.70 -2.48
N SER A 127 -3.90 -33.92 -3.74
CA SER A 127 -3.09 -34.73 -4.63
CA SER A 127 -3.12 -34.74 -4.67
C SER A 127 -2.08 -33.94 -5.46
N LYS A 128 -2.39 -32.70 -5.81
CA LYS A 128 -1.62 -31.92 -6.76
C LYS A 128 -1.67 -30.46 -6.37
N VAL A 129 -0.60 -29.71 -6.68
CA VAL A 129 -0.54 -28.27 -6.41
C VAL A 129 -0.08 -27.56 -7.67
N LEU A 130 -0.80 -26.50 -8.03
CA LEU A 130 -0.46 -25.63 -9.16
C LEU A 130 -0.07 -24.27 -8.59
N ILE A 131 1.22 -23.90 -8.66
CA ILE A 131 1.70 -22.64 -8.12
C ILE A 131 1.47 -21.55 -9.17
N THR A 132 0.82 -20.45 -8.78
CA THR A 132 0.51 -19.35 -9.72
C THR A 132 1.65 -18.33 -9.77
N ALA A 133 2.86 -18.84 -9.97
CA ALA A 133 4.08 -18.06 -9.83
C ALA A 133 5.25 -18.93 -10.23
N PRO A 134 6.40 -18.35 -10.50
CA PRO A 134 7.62 -19.13 -10.66
C PRO A 134 7.86 -19.94 -9.39
N ALA A 135 8.35 -21.16 -9.54
CA ALA A 135 8.72 -21.92 -8.35
C ALA A 135 10.12 -21.51 -7.88
N LYS A 136 10.39 -21.64 -6.56
CA LYS A 136 11.74 -21.30 -6.09
C LYS A 136 12.79 -22.35 -6.35
N ASP A 137 12.44 -23.62 -6.43
CA ASP A 137 13.50 -24.59 -6.65
C ASP A 137 13.28 -25.33 -7.97
N LYS A 138 14.40 -25.77 -8.54
CA LYS A 138 14.47 -26.05 -9.96
C LYS A 138 13.83 -27.37 -10.36
N ASP A 139 13.48 -28.24 -9.43
CA ASP A 139 12.88 -29.49 -9.89
C ASP A 139 11.36 -29.45 -9.90
N ILE A 140 10.73 -28.29 -9.72
CA ILE A 140 9.31 -28.15 -9.94
C ILE A 140 9.11 -27.78 -11.41
N PRO A 141 8.39 -28.60 -12.18
CA PRO A 141 8.21 -28.32 -13.61
C PRO A 141 7.39 -27.07 -13.83
N THR A 142 7.72 -26.35 -14.89
CA THR A 142 7.07 -25.09 -15.26
C THR A 142 6.41 -25.21 -16.64
N PHE A 143 5.19 -24.69 -16.75
CA PHE A 143 4.45 -24.77 -18.00
C PHE A 143 3.91 -23.41 -18.41
N VAL A 144 3.99 -23.14 -19.70
CA VAL A 144 3.29 -22.01 -20.30
C VAL A 144 2.37 -22.56 -21.37
N VAL A 145 1.07 -22.33 -21.19
CA VAL A 145 0.07 -22.75 -22.14
C VAL A 145 0.31 -22.06 -23.48
N GLY A 146 0.30 -22.85 -24.55
CA GLY A 146 0.65 -22.37 -25.85
C GLY A 146 2.10 -22.57 -26.22
N VAL A 147 2.93 -23.01 -25.28
CA VAL A 147 4.35 -23.24 -25.51
C VAL A 147 4.75 -24.69 -25.20
N ASN A 148 4.54 -25.13 -23.96
CA ASN A 148 5.03 -26.45 -23.58
C ASN A 148 4.06 -27.27 -22.71
N GLU A 149 2.76 -26.94 -22.72
CA GLU A 149 1.84 -27.66 -21.84
C GLU A 149 1.59 -29.09 -22.30
N GLY A 150 1.93 -29.44 -23.55
CA GLY A 150 1.91 -30.85 -23.95
C GLY A 150 2.94 -31.68 -23.25
N ASP A 151 3.88 -31.07 -22.57
CA ASP A 151 4.90 -31.77 -21.81
C ASP A 151 4.46 -32.05 -20.37
N TYR A 152 3.29 -31.57 -19.95
CA TYR A 152 2.83 -31.85 -18.61
C TYR A 152 2.48 -33.34 -18.47
N LYS A 153 2.70 -33.86 -17.28
CA LYS A 153 2.42 -35.26 -16.99
C LYS A 153 1.68 -35.37 -15.67
N HIS A 154 0.72 -36.29 -15.61
CA HIS A 154 0.00 -36.48 -14.36
C HIS A 154 0.89 -36.82 -13.17
N GLU A 155 2.03 -37.48 -13.41
CA GLU A 155 2.93 -37.85 -12.32
C GLU A 155 3.60 -36.66 -11.63
N TYR A 156 3.44 -35.42 -12.13
CA TYR A 156 4.06 -34.27 -11.46
C TYR A 156 3.13 -33.77 -10.36
N PRO A 157 3.49 -33.91 -9.08
CA PRO A 157 2.56 -33.48 -8.02
C PRO A 157 2.55 -31.98 -7.79
N ILE A 158 3.61 -31.27 -8.14
CA ILE A 158 3.70 -29.83 -7.95
C ILE A 158 4.18 -29.23 -9.27
N ILE A 159 3.43 -28.25 -9.80
CA ILE A 159 3.80 -27.59 -11.06
C ILE A 159 3.65 -26.10 -10.89
N SER A 160 4.35 -25.37 -11.75
CA SER A 160 4.33 -23.90 -11.80
C SER A 160 3.73 -23.43 -13.12
N ASN A 161 2.93 -22.37 -13.10
CA ASN A 161 2.47 -21.71 -14.32
C ASN A 161 3.30 -20.49 -14.70
N ALA A 162 4.49 -20.33 -14.10
CA ALA A 162 5.39 -19.23 -14.37
C ALA A 162 4.79 -17.89 -13.96
N SER A 163 5.45 -16.81 -14.32
CA SER A 163 4.94 -15.47 -14.06
C SER A 163 4.09 -14.94 -15.22
N CYS A 164 3.39 -13.83 -14.95
CA CYS A 164 2.62 -13.16 -16.01
C CYS A 164 3.54 -12.78 -17.17
N THR A 165 4.73 -12.23 -16.86
CA THR A 165 5.63 -11.75 -17.90
C THR A 165 6.15 -12.91 -18.74
N THR A 166 6.46 -14.05 -18.11
CA THR A 166 6.91 -15.19 -18.93
C THR A 166 5.78 -15.71 -19.82
N ASN A 167 4.54 -15.69 -19.32
CA ASN A 167 3.41 -16.06 -20.19
C ASN A 167 3.19 -15.11 -21.34
N CYS A 168 3.55 -13.81 -21.19
CA CYS A 168 3.43 -12.94 -22.33
C CYS A 168 4.59 -13.18 -23.29
N LEU A 169 5.81 -13.28 -22.74
CA LEU A 169 7.03 -13.39 -23.55
C LEU A 169 7.11 -14.71 -24.31
N ALA A 170 6.94 -15.84 -23.63
CA ALA A 170 7.26 -17.12 -24.24
C ALA A 170 6.51 -17.40 -25.53
N PRO A 171 5.20 -17.13 -25.66
CA PRO A 171 4.54 -17.42 -26.95
C PRO A 171 5.14 -16.69 -28.14
N PHE A 172 5.47 -15.41 -28.01
CA PHE A 172 5.99 -14.76 -29.21
C PHE A 172 7.48 -14.97 -29.37
N VAL A 173 8.21 -15.23 -28.28
CA VAL A 173 9.60 -15.65 -28.44
C VAL A 173 9.69 -16.99 -29.14
N LYS A 174 8.72 -17.87 -28.90
CA LYS A 174 8.70 -19.15 -29.60
C LYS A 174 8.59 -18.91 -31.10
N VAL A 175 7.74 -17.97 -31.52
CA VAL A 175 7.60 -17.69 -32.95
C VAL A 175 8.87 -17.09 -33.51
N LEU A 176 9.48 -16.17 -32.77
CA LEU A 176 10.70 -15.53 -33.28
C LEU A 176 11.80 -16.58 -33.44
N GLU A 177 11.91 -17.50 -32.47
CA GLU A 177 12.97 -18.49 -32.52
C GLU A 177 12.76 -19.45 -33.69
N GLN A 178 11.51 -19.84 -33.95
CA GLN A 178 11.21 -20.74 -35.07
C GLN A 178 11.47 -20.09 -36.42
N LYS A 179 11.08 -18.83 -36.58
CA LYS A 179 11.08 -18.22 -37.90
C LYS A 179 12.40 -17.55 -38.22
N PHE A 180 13.05 -16.93 -37.22
CA PHE A 180 14.23 -16.12 -37.46
C PHE A 180 15.46 -16.55 -36.71
N GLY A 181 15.30 -17.26 -35.58
CA GLY A 181 16.42 -17.72 -34.79
C GLY A 181 16.92 -16.58 -33.91
N ILE A 182 16.87 -16.74 -32.61
CA ILE A 182 17.36 -15.71 -31.70
C ILE A 182 18.81 -15.97 -31.33
N VAL A 183 19.65 -14.94 -31.45
CA VAL A 183 21.03 -15.01 -30.98
C VAL A 183 21.11 -14.57 -29.53
N LYS A 184 20.61 -13.38 -29.20
CA LYS A 184 20.55 -12.90 -27.83
C LYS A 184 19.59 -11.74 -27.80
N GLY A 185 19.16 -11.39 -26.60
CA GLY A 185 18.24 -10.26 -26.52
C GLY A 185 18.00 -9.80 -25.10
N THR A 186 17.30 -8.69 -25.02
CA THR A 186 17.00 -8.09 -23.73
C THR A 186 15.55 -7.61 -23.74
N MET A 187 14.96 -7.51 -22.55
CA MET A 187 13.58 -7.09 -22.48
C MET A 187 13.41 -6.14 -21.30
N THR A 188 12.47 -5.22 -21.46
CA THR A 188 11.96 -4.47 -20.33
C THR A 188 10.46 -4.67 -20.31
N THR A 189 9.91 -4.97 -19.14
CA THR A 189 8.45 -4.87 -18.99
C THR A 189 8.09 -3.60 -18.22
N THR A 190 7.22 -2.78 -18.84
CA THR A 190 6.58 -1.65 -18.16
C THR A 190 5.27 -2.17 -17.60
N HIS A 191 5.23 -2.34 -16.27
CA HIS A 191 4.31 -3.26 -15.61
C HIS A 191 3.47 -2.51 -14.60
N SER A 192 2.18 -2.83 -14.55
CA SER A 192 1.36 -2.26 -13.48
C SER A 192 1.91 -2.60 -12.09
N TYR A 193 1.63 -1.73 -11.12
CA TYR A 193 2.01 -2.09 -9.77
C TYR A 193 1.20 -3.26 -9.26
N THR A 194 1.78 -3.96 -8.29
CA THR A 194 1.15 -5.10 -7.65
C THR A 194 1.21 -4.95 -6.14
N GLY A 195 0.54 -5.88 -5.46
CA GLY A 195 0.45 -5.76 -4.01
C GLY A 195 1.74 -5.99 -3.25
N ASP A 196 2.80 -6.46 -3.91
CA ASP A 196 4.11 -6.53 -3.28
C ASP A 196 4.71 -5.15 -3.00
N GLN A 197 4.28 -4.12 -3.74
CA GLN A 197 4.84 -2.79 -3.55
C GLN A 197 4.07 -2.03 -2.48
N ARG A 198 4.68 -0.97 -1.95
CA ARG A 198 4.05 -0.21 -0.87
C ARG A 198 3.26 0.97 -1.43
N LEU A 199 2.18 1.33 -0.72
CA LEU A 199 1.30 2.45 -1.13
C LEU A 199 1.99 3.79 -0.89
N LEU A 200 2.59 3.97 0.29
CA LEU A 200 3.49 5.07 0.59
C LEU A 200 4.81 4.50 1.03
N ASP A 201 5.87 5.33 0.97
CA ASP A 201 7.22 4.80 1.28
C ASP A 201 7.24 4.05 2.61
N ALA A 202 7.64 2.78 2.59
CA ALA A 202 7.56 1.98 3.81
C ALA A 202 8.49 0.77 3.70
N SER A 203 8.59 0.01 4.79
CA SER A 203 9.48 -1.16 4.86
C SER A 203 9.34 -2.11 3.67
N HIS A 204 10.46 -2.52 3.09
CA HIS A 204 10.48 -3.55 2.06
C HIS A 204 11.90 -4.08 1.98
N ARG A 205 12.04 -5.37 1.72
CA ARG A 205 13.41 -5.85 1.58
C ARG A 205 14.09 -5.27 0.33
N ASP A 206 13.28 -4.86 -0.68
CA ASP A 206 13.74 -4.26 -1.92
C ASP A 206 13.48 -2.76 -1.76
N LEU A 207 14.57 -1.98 -1.67
CA LEU A 207 14.43 -0.57 -1.35
C LEU A 207 13.76 0.25 -2.46
N ARG A 208 13.65 -0.28 -3.68
CA ARG A 208 12.85 0.42 -4.69
C ARG A 208 11.36 0.08 -4.57
N ARG A 209 11.03 -1.20 -4.30
CA ARG A 209 9.64 -1.61 -4.06
C ARG A 209 9.08 -1.03 -2.75
N ALA A 210 9.96 -0.52 -1.88
CA ALA A 210 9.55 0.22 -0.69
C ALA A 210 8.83 1.51 -1.04
N ARG A 211 9.00 2.02 -2.26
CA ARG A 211 8.61 3.40 -2.58
C ARG A 211 7.19 3.49 -3.11
N ALA A 212 6.54 4.61 -2.79
CA ALA A 212 5.13 4.84 -3.13
C ALA A 212 4.81 4.41 -4.58
N ALA A 213 4.00 3.34 -4.73
CA ALA A 213 3.83 2.71 -6.03
C ALA A 213 3.06 3.55 -7.03
N ALA A 214 2.10 4.36 -6.58
CA ALA A 214 1.31 5.13 -7.53
C ALA A 214 1.92 6.48 -7.82
N LEU A 215 3.11 6.77 -7.28
CA LEU A 215 3.79 8.03 -7.54
C LEU A 215 5.03 7.87 -8.42
N ASN A 216 5.47 6.64 -8.70
CA ASN A 216 6.81 6.38 -9.17
C ASN A 216 6.84 5.40 -10.32
N ILE A 217 7.87 5.58 -11.16
CA ILE A 217 8.42 4.51 -12.01
C ILE A 217 9.49 3.81 -11.17
N VAL A 218 9.33 2.52 -10.95
CA VAL A 218 10.09 1.73 -9.98
C VAL A 218 10.79 0.57 -10.68
N PRO A 219 12.10 0.62 -10.85
CA PRO A 219 12.80 -0.53 -11.44
C PRO A 219 12.82 -1.69 -10.47
N THR A 220 12.74 -2.90 -11.01
CA THR A 220 12.87 -4.08 -10.18
C THR A 220 13.39 -5.25 -11.04
N THR A 221 14.03 -6.21 -10.40
CA THR A 221 14.48 -7.35 -11.16
C THR A 221 13.30 -8.16 -11.69
N THR A 222 13.57 -8.92 -12.75
CA THR A 222 12.60 -9.88 -13.25
C THR A 222 13.36 -11.15 -13.58
N GLY A 223 12.78 -12.29 -13.21
CA GLY A 223 13.27 -13.57 -13.64
C GLY A 223 12.70 -14.03 -14.96
N ALA A 224 11.87 -13.21 -15.61
CA ALA A 224 11.06 -13.73 -16.70
C ALA A 224 11.86 -14.02 -17.94
N ALA A 225 12.89 -13.22 -18.22
CA ALA A 225 13.63 -13.45 -19.45
C ALA A 225 14.43 -14.73 -19.34
N LYS A 226 14.97 -15.02 -18.16
CA LYS A 226 15.67 -16.28 -17.97
C LYS A 226 14.69 -17.44 -17.92
N ALA A 227 13.52 -17.22 -17.31
CA ALA A 227 12.55 -18.30 -17.15
C ALA A 227 12.02 -18.82 -18.47
N VAL A 228 12.12 -18.02 -19.54
CA VAL A 228 11.67 -18.51 -20.83
C VAL A 228 12.40 -19.79 -21.19
N SER A 229 13.65 -19.91 -20.73
CA SER A 229 14.43 -21.09 -21.08
C SER A 229 13.91 -22.36 -20.41
N LEU A 230 13.10 -22.23 -19.34
CA LEU A 230 12.50 -23.43 -18.76
C LEU A 230 11.51 -24.08 -19.73
N VAL A 231 10.73 -23.27 -20.45
CA VAL A 231 9.71 -23.79 -21.34
C VAL A 231 10.19 -23.89 -22.78
N LEU A 232 11.31 -23.25 -23.11
CA LEU A 232 11.88 -23.20 -24.45
C LEU A 232 13.38 -23.37 -24.26
N PRO A 233 13.88 -24.62 -24.21
CA PRO A 233 15.30 -24.85 -23.93
C PRO A 233 16.26 -24.23 -24.93
N SER A 234 15.83 -23.96 -26.16
CA SER A 234 16.72 -23.28 -27.08
C SER A 234 17.01 -21.84 -26.67
N LEU A 235 16.27 -21.28 -25.73
CA LEU A 235 16.53 -19.93 -25.28
C LEU A 235 17.52 -19.85 -24.10
N LYS A 236 18.08 -20.98 -23.65
CA LYS A 236 19.00 -20.98 -22.52
C LYS A 236 20.11 -19.97 -22.73
N GLY A 237 20.25 -19.08 -21.75
CA GLY A 237 21.30 -18.10 -21.71
C GLY A 237 21.17 -16.96 -22.70
N LYS A 238 20.05 -16.85 -23.40
CA LYS A 238 19.97 -15.88 -24.50
CA LYS A 238 19.91 -15.91 -24.51
C LYS A 238 19.33 -14.55 -24.11
N LEU A 239 18.47 -14.51 -23.08
CA LEU A 239 17.79 -13.27 -22.74
C LEU A 239 18.07 -12.82 -21.32
N ASN A 240 17.92 -11.52 -21.11
CA ASN A 240 17.99 -10.93 -19.78
C ASN A 240 17.04 -9.74 -19.82
N GLY A 241 16.74 -9.16 -18.66
CA GLY A 241 15.92 -7.96 -18.71
C GLY A 241 15.60 -7.44 -17.33
N ILE A 242 14.67 -6.47 -17.32
CA ILE A 242 14.33 -5.71 -16.12
CA ILE A 242 14.31 -5.76 -16.10
C ILE A 242 12.84 -5.37 -16.20
N ALA A 243 12.28 -4.98 -15.07
CA ALA A 243 10.91 -4.46 -15.00
C ALA A 243 10.95 -3.02 -14.55
N LEU A 244 10.00 -2.22 -15.06
CA LEU A 244 9.69 -0.89 -14.55
C LEU A 244 8.24 -0.91 -14.12
N ARG A 245 7.99 -0.86 -12.81
CA ARG A 245 6.62 -0.77 -12.31
C ARG A 245 6.13 0.67 -12.39
N VAL A 246 4.93 0.87 -12.90
CA VAL A 246 4.41 2.23 -13.14
C VAL A 246 3.03 2.41 -12.51
N PRO A 247 2.52 3.65 -12.38
CA PRO A 247 1.28 3.87 -11.64
C PRO A 247 0.00 3.54 -12.40
N THR A 248 -0.15 2.29 -12.82
CA THR A 248 -1.41 1.75 -13.30
C THR A 248 -1.73 0.47 -12.55
N PRO A 249 -2.99 0.13 -12.38
CA PRO A 249 -3.34 -1.01 -11.52
C PRO A 249 -3.41 -2.36 -12.20
N THR A 250 -3.59 -2.42 -13.52
CA THR A 250 -3.42 -3.69 -14.20
C THR A 250 -3.16 -3.34 -15.65
N VAL A 251 -2.62 -4.32 -16.38
CA VAL A 251 -2.15 -4.32 -17.76
C VAL A 251 -0.70 -3.89 -17.77
N SER A 252 0.11 -4.65 -18.50
CA SER A 252 1.54 -4.44 -18.56
C SER A 252 1.96 -4.59 -20.02
N VAL A 253 3.21 -4.22 -20.31
CA VAL A 253 3.68 -4.30 -21.71
C VAL A 253 5.16 -4.71 -21.73
N VAL A 254 5.47 -5.72 -22.55
CA VAL A 254 6.83 -6.24 -22.78
C VAL A 254 7.42 -5.57 -24.01
N ASP A 255 8.63 -5.03 -23.86
CA ASP A 255 9.40 -4.53 -25.00
C ASP A 255 10.64 -5.42 -25.10
N LEU A 256 10.69 -6.24 -26.15
CA LEU A 256 11.76 -7.19 -26.36
C LEU A 256 12.61 -6.74 -27.53
N VAL A 257 13.91 -6.72 -27.35
CA VAL A 257 14.84 -6.44 -28.44
C VAL A 257 15.73 -7.67 -28.61
N VAL A 258 15.69 -8.29 -29.81
CA VAL A 258 16.51 -9.47 -30.04
C VAL A 258 17.34 -9.29 -31.30
N GLN A 259 18.55 -9.83 -31.27
CA GLN A 259 19.31 -10.06 -32.48
C GLN A 259 18.87 -11.39 -33.04
N VAL A 260 18.52 -11.44 -34.31
CA VAL A 260 18.05 -12.67 -34.93
C VAL A 260 19.06 -13.13 -35.98
N GLU A 261 18.96 -14.41 -36.35
CA GLU A 261 19.86 -14.96 -37.38
C GLU A 261 19.45 -14.53 -38.77
N LYS A 262 18.19 -14.67 -39.09
CA LYS A 262 17.65 -14.37 -40.42
C LYS A 262 17.32 -12.88 -40.55
N LYS A 263 17.95 -12.20 -41.50
CA LYS A 263 17.65 -10.78 -41.72
C LYS A 263 16.20 -10.64 -42.16
N THR A 264 15.55 -9.58 -41.68
CA THR A 264 14.11 -9.49 -41.86
C THR A 264 13.69 -8.03 -41.84
N PHE A 265 12.38 -7.80 -41.71
CA PHE A 265 11.76 -6.48 -41.76
C PHE A 265 10.43 -6.59 -41.03
N ALA A 266 9.90 -5.44 -40.64
CA ALA A 266 8.82 -5.45 -39.65
C ALA A 266 7.59 -6.23 -40.13
N GLU A 267 7.19 -6.03 -41.39
CA GLU A 267 5.99 -6.68 -41.89
C GLU A 267 6.12 -8.20 -41.89
N GLU A 268 7.31 -8.71 -42.16
CA GLU A 268 7.57 -10.14 -42.12
C GLU A 268 7.52 -10.70 -40.70
N VAL A 269 8.06 -9.94 -39.73
CA VAL A 269 7.94 -10.34 -38.33
C VAL A 269 6.48 -10.40 -37.91
N ASN A 270 5.74 -9.34 -38.23
CA ASN A 270 4.33 -9.34 -37.89
C ASN A 270 3.58 -10.46 -38.59
N ALA A 271 3.95 -10.78 -39.83
CA ALA A 271 3.27 -11.87 -40.52
C ALA A 271 3.48 -13.21 -39.80
N ALA A 272 4.68 -13.43 -39.25
CA ALA A 272 4.92 -14.66 -38.48
C ALA A 272 4.00 -14.72 -37.27
N PHE A 273 3.78 -13.61 -36.61
CA PHE A 273 2.92 -13.60 -35.42
C PHE A 273 1.46 -13.86 -35.82
N ARG A 274 1.05 -13.30 -36.94
CA ARG A 274 -0.35 -13.45 -37.39
C ARG A 274 -0.61 -14.93 -37.76
N GLU A 275 0.35 -15.55 -38.41
CA GLU A 275 0.22 -16.99 -38.70
C GLU A 275 0.03 -17.78 -37.41
N ALA A 276 0.82 -17.45 -36.39
CA ALA A 276 0.66 -18.18 -35.14
C ALA A 276 -0.66 -17.85 -34.45
N ALA A 277 -1.05 -16.59 -34.47
CA ALA A 277 -2.30 -16.17 -33.84
C ALA A 277 -3.52 -16.78 -34.52
N ASN A 278 -3.45 -17.01 -35.82
CA ASN A 278 -4.55 -17.59 -36.57
C ASN A 278 -4.55 -19.10 -36.53
N GLY A 279 -3.46 -19.72 -36.05
CA GLY A 279 -3.34 -21.15 -36.02
C GLY A 279 -3.03 -21.67 -34.63
N PRO A 280 -1.79 -22.14 -34.44
CA PRO A 280 -1.47 -22.96 -33.27
C PRO A 280 -1.46 -22.21 -31.95
N MET A 281 -1.43 -20.88 -31.97
CA MET A 281 -1.55 -20.12 -30.74
C MET A 281 -2.84 -19.32 -30.67
N LYS A 282 -3.88 -19.70 -31.42
CA LYS A 282 -5.14 -18.98 -31.35
C LYS A 282 -5.67 -19.02 -29.92
N GLY A 283 -6.06 -17.85 -29.42
CA GLY A 283 -6.48 -17.76 -28.04
C GLY A 283 -5.39 -17.41 -27.05
N VAL A 284 -4.13 -17.58 -27.41
CA VAL A 284 -3.01 -17.27 -26.55
C VAL A 284 -2.27 -16.04 -27.06
N LEU A 285 -2.05 -15.98 -28.37
CA LEU A 285 -1.36 -14.87 -29.00
CA LEU A 285 -1.35 -14.87 -29.01
C LEU A 285 -2.32 -14.15 -29.94
N HIS A 286 -2.38 -12.83 -29.82
CA HIS A 286 -3.20 -11.94 -30.60
C HIS A 286 -2.31 -10.90 -31.26
N VAL A 287 -2.64 -10.49 -32.48
CA VAL A 287 -1.96 -9.35 -33.09
C VAL A 287 -2.95 -8.20 -33.24
N GLU A 288 -2.64 -7.07 -32.63
CA GLU A 288 -3.52 -5.91 -32.58
C GLU A 288 -3.09 -4.85 -33.58
N ASP A 289 -4.02 -4.49 -34.47
CA ASP A 289 -3.76 -3.51 -35.50
C ASP A 289 -4.27 -2.11 -35.17
N ALA A 290 -5.17 -1.98 -34.20
CA ALA A 290 -5.70 -0.67 -33.83
C ALA A 290 -4.73 0.05 -32.89
N PRO A 291 -4.72 1.40 -32.91
CA PRO A 291 -3.81 2.17 -32.06
C PRO A 291 -4.38 2.38 -30.67
N LEU A 292 -4.09 1.44 -29.77
CA LEU A 292 -4.73 1.36 -28.46
C LEU A 292 -3.76 1.71 -27.35
N VAL A 293 -4.32 1.77 -26.14
CA VAL A 293 -3.55 2.06 -24.96
C VAL A 293 -3.89 1.01 -23.91
N SER A 294 -3.17 1.04 -22.78
CA SER A 294 -3.22 -0.06 -21.82
C SER A 294 -4.63 -0.47 -21.42
N ILE A 295 -5.49 0.49 -21.07
CA ILE A 295 -6.80 0.14 -20.54
C ILE A 295 -7.60 -0.69 -21.54
N ASP A 296 -7.33 -0.54 -22.84
CA ASP A 296 -8.07 -1.31 -23.83
C ASP A 296 -7.78 -2.81 -23.75
N PHE A 297 -6.69 -3.20 -23.11
CA PHE A 297 -6.38 -4.61 -23.00
C PHE A 297 -6.82 -5.19 -21.66
N LYS A 298 -7.51 -4.40 -20.82
CA LYS A 298 -8.05 -5.01 -19.59
C LYS A 298 -9.07 -6.10 -19.91
N CYS A 299 -8.96 -7.20 -19.18
CA CYS A 299 -9.87 -8.33 -19.28
CA CYS A 299 -9.89 -8.30 -19.28
C CYS A 299 -9.86 -8.96 -20.65
N THR A 300 -8.70 -8.96 -21.29
CA THR A 300 -8.52 -9.74 -22.50
C THR A 300 -8.02 -11.12 -22.11
N ASP A 301 -8.48 -12.14 -22.86
CA ASP A 301 -8.23 -13.53 -22.49
C ASP A 301 -6.89 -14.04 -22.99
N GLN A 302 -6.33 -13.39 -24.00
CA GLN A 302 -5.04 -13.83 -24.51
C GLN A 302 -3.91 -13.52 -23.54
N SER A 303 -2.82 -14.25 -23.71
CA SER A 303 -1.61 -13.99 -22.91
C SER A 303 -0.79 -12.85 -23.49
N THR A 304 -0.91 -12.62 -24.79
CA THR A 304 -0.02 -11.69 -25.49
C THR A 304 -0.77 -10.98 -26.62
N SER A 305 -0.67 -9.64 -26.68
CA SER A 305 -1.24 -8.88 -27.80
C SER A 305 -0.08 -8.08 -28.43
N ILE A 306 0.41 -8.55 -29.57
CA ILE A 306 1.48 -7.84 -30.27
C ILE A 306 0.90 -6.52 -30.77
N ASP A 307 1.56 -5.42 -30.47
CA ASP A 307 1.15 -4.10 -31.00
C ASP A 307 1.84 -3.96 -32.34
N ALA A 308 1.10 -4.27 -33.42
CA ALA A 308 1.75 -4.47 -34.72
C ALA A 308 2.45 -3.22 -35.20
N SER A 309 1.84 -2.05 -34.98
CA SER A 309 2.45 -0.87 -35.57
C SER A 309 3.70 -0.42 -34.84
N LEU A 310 4.06 -1.08 -33.72
CA LEU A 310 5.26 -0.76 -32.99
C LEU A 310 6.42 -1.70 -33.34
N THR A 311 6.18 -2.80 -34.06
CA THR A 311 7.29 -3.66 -34.45
C THR A 311 8.32 -2.89 -35.28
N MET A 312 9.61 -3.07 -34.98
CA MET A 312 10.66 -2.28 -35.63
C MET A 312 11.83 -3.22 -35.90
N VAL A 313 12.48 -3.05 -37.05
CA VAL A 313 13.71 -3.79 -37.33
C VAL A 313 14.78 -2.76 -37.72
N MET A 314 15.90 -2.78 -37.02
CA MET A 314 17.05 -1.92 -37.28
C MET A 314 18.23 -2.76 -37.76
N GLY A 315 18.92 -2.27 -38.78
CA GLY A 315 20.12 -2.93 -39.25
C GLY A 315 19.90 -4.38 -39.58
N ASP A 316 18.72 -4.71 -40.12
CA ASP A 316 18.34 -6.02 -40.66
C ASP A 316 18.07 -7.11 -39.64
N ASP A 317 18.79 -7.12 -38.52
CA ASP A 317 18.67 -8.26 -37.62
C ASP A 317 18.45 -7.86 -36.16
N MET A 318 18.19 -6.58 -35.86
CA MET A 318 17.76 -6.14 -34.53
C MET A 318 16.26 -5.93 -34.56
N VAL A 319 15.51 -6.81 -33.88
CA VAL A 319 14.05 -6.80 -33.94
C VAL A 319 13.52 -6.34 -32.59
N LYS A 320 12.64 -5.34 -32.61
CA LYS A 320 11.94 -4.86 -31.42
C LYS A 320 10.48 -5.18 -31.56
N VAL A 321 9.93 -5.86 -30.54
CA VAL A 321 8.54 -6.25 -30.48
C VAL A 321 7.95 -5.75 -29.16
N VAL A 322 6.75 -5.18 -29.23
CA VAL A 322 6.03 -4.64 -28.06
C VAL A 322 4.73 -5.41 -27.90
N ALA A 323 4.54 -6.01 -26.72
CA ALA A 323 3.39 -6.88 -26.49
C ALA A 323 2.68 -6.56 -25.18
N TRP A 324 1.38 -6.41 -25.26
CA TRP A 324 0.53 -6.12 -24.10
C TRP A 324 0.05 -7.39 -23.42
N TYR A 325 -0.17 -7.29 -22.11
CA TYR A 325 -0.74 -8.42 -21.38
C TYR A 325 -1.47 -7.94 -20.13
N ASP A 326 -2.68 -8.45 -19.91
CA ASP A 326 -3.36 -8.18 -18.64
C ASP A 326 -2.77 -9.16 -17.63
N ASN A 327 -1.88 -8.63 -16.80
CA ASN A 327 -1.11 -9.46 -15.86
C ASN A 327 -1.99 -10.12 -14.80
N GLU A 328 -3.20 -9.63 -14.58
CA GLU A 328 -4.13 -10.30 -13.68
C GLU A 328 -5.02 -11.28 -14.41
N TRP A 329 -5.84 -10.76 -15.33
CA TRP A 329 -6.91 -11.55 -15.95
C TRP A 329 -6.38 -12.52 -16.99
N GLY A 330 -5.51 -12.06 -17.89
CA GLY A 330 -4.99 -12.95 -18.91
C GLY A 330 -4.18 -14.08 -18.29
N TYR A 331 -3.36 -13.75 -17.28
CA TYR A 331 -2.60 -14.77 -16.57
C TYR A 331 -3.53 -15.76 -15.90
N SER A 332 -4.58 -15.27 -15.25
CA SER A 332 -5.50 -16.18 -14.55
C SER A 332 -6.27 -17.07 -15.52
N GLN A 333 -6.53 -16.62 -16.76
CA GLN A 333 -7.12 -17.53 -17.76
C GLN A 333 -6.15 -18.66 -18.09
N ARG A 334 -4.84 -18.38 -18.08
CA ARG A 334 -3.84 -19.42 -18.28
C ARG A 334 -3.79 -20.35 -17.09
N VAL A 335 -3.99 -19.83 -15.86
CA VAL A 335 -4.03 -20.72 -14.70
C VAL A 335 -5.20 -21.68 -14.87
N VAL A 336 -6.35 -21.15 -15.25
CA VAL A 336 -7.50 -22.02 -15.49
C VAL A 336 -7.16 -23.05 -16.58
N ASP A 337 -6.58 -22.59 -17.69
CA ASP A 337 -6.20 -23.51 -18.76
C ASP A 337 -5.27 -24.62 -18.28
N LEU A 338 -4.25 -24.26 -17.50
CA LEU A 338 -3.31 -25.30 -17.05
C LEU A 338 -4.01 -26.25 -16.08
N ALA A 339 -4.89 -25.73 -15.24
CA ALA A 339 -5.63 -26.62 -14.36
C ALA A 339 -6.53 -27.56 -15.16
N GLU A 340 -7.09 -27.06 -16.26
CA GLU A 340 -7.93 -27.91 -17.11
C GLU A 340 -7.10 -29.00 -17.75
N VAL A 341 -5.84 -28.70 -18.09
CA VAL A 341 -4.95 -29.74 -18.59
C VAL A 341 -4.76 -30.82 -17.54
N THR A 342 -4.56 -30.44 -16.27
CA THR A 342 -4.34 -31.48 -15.27
C THR A 342 -5.60 -32.34 -15.16
N ALA A 343 -6.79 -31.75 -15.34
CA ALA A 343 -8.02 -32.53 -15.24
C ALA A 343 -8.15 -33.55 -16.38
N LYS A 344 -7.75 -33.12 -17.57
CA LYS A 344 -7.88 -33.98 -18.79
C LYS A 344 -6.94 -35.17 -18.68
N LYS A 345 -5.79 -34.99 -18.04
CA LYS A 345 -4.77 -36.05 -17.95
C LYS A 345 -4.88 -36.78 -16.61
N TRP A 346 -5.93 -36.46 -15.86
CA TRP A 346 -6.05 -37.06 -14.51
C TRP A 346 -6.23 -38.57 -14.60
N VAL A 347 -5.45 -39.26 -13.80
CA VAL A 347 -5.63 -40.70 -13.70
C VAL A 347 -5.90 -41.00 -12.23
N ALA A 348 -4.90 -40.74 -11.40
CA ALA A 348 -4.94 -40.94 -9.95
C ALA A 348 -3.73 -40.24 -9.30
N MET B 1 24.54 42.59 36.98
CA MET B 1 25.73 43.16 37.58
C MET B 1 26.38 42.16 38.55
N HIS B 2 26.01 40.87 38.46
CA HIS B 2 26.42 39.85 39.42
C HIS B 2 27.11 38.68 38.73
N HIS B 3 27.83 37.89 39.54
CA HIS B 3 28.48 36.65 39.12
C HIS B 3 27.43 35.58 38.82
N HIS B 4 27.37 35.10 37.57
CA HIS B 4 26.34 34.13 37.19
C HIS B 4 26.81 33.28 36.02
N HIS B 5 26.11 32.16 35.85
CA HIS B 5 26.18 31.32 34.66
C HIS B 5 25.03 31.71 33.73
N HIS B 6 24.98 31.10 32.57
CA HIS B 6 23.87 31.38 31.66
C HIS B 6 22.75 30.36 31.85
N HIS B 7 21.52 30.78 31.52
CA HIS B 7 20.41 29.86 31.72
C HIS B 7 20.55 28.66 30.78
N MET B 8 20.40 27.46 31.35
CA MET B 8 20.42 26.20 30.61
C MET B 8 19.08 25.52 30.70
N GLU B 9 18.36 25.43 29.58
CA GLU B 9 17.26 24.51 29.45
C GLU B 9 17.80 23.14 29.08
N LYS B 10 17.26 22.11 29.70
CA LYS B 10 17.85 20.80 29.51
C LYS B 10 17.24 20.15 28.28
N LYS B 11 18.09 19.49 27.49
CA LYS B 11 17.62 18.71 26.36
C LYS B 11 17.23 17.31 26.81
N ILE B 12 16.05 16.88 26.39
CA ILE B 12 15.57 15.56 26.76
C ILE B 12 16.01 14.60 25.68
N ARG B 13 16.34 13.39 26.12
CA ARG B 13 16.77 12.33 25.23
C ARG B 13 15.55 11.63 24.67
N VAL B 14 15.42 11.63 23.34
CA VAL B 14 14.21 11.16 22.66
C VAL B 14 14.54 9.91 21.84
N ALA B 15 13.67 8.93 21.91
CA ALA B 15 13.69 7.77 21.01
C ALA B 15 12.42 7.78 20.16
N ILE B 16 12.55 7.42 18.88
CA ILE B 16 11.41 7.32 17.97
C ILE B 16 11.11 5.84 17.79
N ASN B 17 9.94 5.39 18.23
CA ASN B 17 9.52 4.02 18.02
C ASN B 17 8.56 3.99 16.85
N GLY B 18 8.98 3.38 15.76
CA GLY B 18 8.17 3.33 14.56
C GLY B 18 8.58 4.39 13.58
N PHE B 19 9.48 4.04 12.65
CA PHE B 19 10.11 5.04 11.79
C PHE B 19 9.40 5.01 10.43
N GLY B 20 8.11 5.31 10.51
CA GLY B 20 7.20 5.35 9.38
C GLY B 20 7.02 6.74 8.84
N ARG B 21 5.87 6.98 8.19
CA ARG B 21 5.65 8.33 7.67
C ARG B 21 5.78 9.38 8.78
N ILE B 22 5.14 9.15 9.91
CA ILE B 22 5.20 10.19 10.94
C ILE B 22 6.55 10.19 11.65
N GLY B 23 7.11 9.01 11.91
CA GLY B 23 8.42 8.96 12.53
C GLY B 23 9.49 9.66 11.70
N ARG B 24 9.48 9.45 10.36
CA ARG B 24 10.49 10.11 9.52
C ARG B 24 10.20 11.58 9.29
N ASN B 25 8.92 11.96 9.12
CA ASN B 25 8.58 13.39 9.08
C ASN B 25 9.00 14.07 10.39
N PHE B 26 8.76 13.41 11.53
CA PHE B 26 9.17 13.99 12.81
C PHE B 26 10.66 14.27 12.84
N LEU B 27 11.48 13.34 12.38
CA LEU B 27 12.94 13.55 12.39
C LEU B 27 13.35 14.76 11.53
N ARG B 28 12.78 14.88 10.36
CA ARG B 28 13.12 16.02 9.47
C ARG B 28 12.60 17.34 10.03
N CYS B 29 11.41 17.30 10.62
CA CYS B 29 10.87 18.52 11.25
C CYS B 29 11.82 18.96 12.37
N TRP B 30 12.17 18.01 13.24
CA TRP B 30 13.10 18.33 14.33
C TRP B 30 14.43 18.85 13.78
N HIS B 31 14.96 18.20 12.76
CA HIS B 31 16.30 18.57 12.31
C HIS B 31 16.29 19.98 11.72
N GLY B 32 15.16 20.42 11.17
CA GLY B 32 15.09 21.74 10.61
C GLY B 32 14.81 22.88 11.57
N ARG B 33 14.59 22.60 12.85
CA ARG B 33 14.35 23.65 13.84
C ARG B 33 15.66 24.39 14.14
N GLN B 34 15.57 25.71 14.19
CA GLN B 34 16.77 26.49 14.52
C GLN B 34 17.23 26.19 15.95
N ASN B 35 16.27 26.09 16.88
CA ASN B 35 16.57 25.81 18.28
C ASN B 35 15.61 24.73 18.77
N THR B 36 16.15 23.76 19.50
CA THR B 36 15.34 22.67 20.01
C THR B 36 15.81 22.24 21.39
N LEU B 37 14.88 21.73 22.18
CA LEU B 37 15.19 21.12 23.47
C LEU B 37 15.21 19.60 23.39
N LEU B 38 15.22 19.02 22.19
CA LEU B 38 15.13 17.58 21.98
C LEU B 38 16.44 17.08 21.42
N ASP B 39 16.90 15.96 21.96
CA ASP B 39 18.08 15.25 21.44
C ASP B 39 17.63 13.86 21.01
N VAL B 40 17.49 13.64 19.70
CA VAL B 40 17.01 12.35 19.23
C VAL B 40 18.21 11.40 19.21
N VAL B 41 18.16 10.36 20.03
CA VAL B 41 19.31 9.48 20.23
C VAL B 41 19.07 8.07 19.75
N ALA B 42 17.83 7.69 19.48
CA ALA B 42 17.54 6.30 19.10
C ALA B 42 16.30 6.28 18.21
N ILE B 43 16.32 5.33 17.27
CA ILE B 43 15.24 5.03 16.32
C ILE B 43 15.08 3.52 16.29
N ASN B 44 13.85 3.04 16.43
CA ASN B 44 13.54 1.62 16.30
C ASN B 44 13.01 1.38 14.88
N ASP B 45 13.87 0.78 14.03
CA ASP B 45 13.58 0.48 12.62
C ASP B 45 13.88 -1.00 12.37
N SER B 46 12.85 -1.76 11.97
CA SER B 46 12.98 -3.19 11.74
C SER B 46 14.01 -3.52 10.69
N GLY B 47 14.25 -2.61 9.76
CA GLY B 47 15.16 -2.83 8.66
C GLY B 47 16.58 -2.38 8.92
N GLY B 48 16.88 -1.93 10.14
CA GLY B 48 18.24 -1.55 10.53
C GLY B 48 18.74 -0.29 9.83
N VAL B 49 20.07 -0.13 9.85
CA VAL B 49 20.69 1.10 9.36
C VAL B 49 20.45 1.28 7.87
N LYS B 50 20.42 0.18 7.10
CA LYS B 50 20.22 0.29 5.66
C LYS B 50 18.86 0.91 5.34
N GLN B 51 17.79 0.37 5.94
CA GLN B 51 16.46 0.89 5.64
C GLN B 51 16.25 2.27 6.29
N ALA B 52 16.72 2.47 7.53
CA ALA B 52 16.52 3.75 8.18
C ALA B 52 17.21 4.86 7.42
N SER B 53 18.46 4.65 7.01
CA SER B 53 19.18 5.70 6.33
C SER B 53 18.56 5.97 4.95
N HIS B 54 18.20 4.91 4.23
CA HIS B 54 17.71 5.08 2.87
C HIS B 54 16.38 5.82 2.86
N LEU B 55 15.44 5.39 3.68
CA LEU B 55 14.09 6.00 3.67
C LEU B 55 14.07 7.35 4.36
N LEU B 56 15.05 7.65 5.21
CA LEU B 56 15.24 9.02 5.72
C LEU B 56 15.71 9.95 4.62
N LYS B 57 16.64 9.47 3.77
CA LYS B 57 17.28 10.31 2.77
C LYS B 57 16.35 10.57 1.58
N TYR B 58 15.66 9.52 1.12
CA TYR B 58 14.87 9.58 -0.12
C TYR B 58 13.41 9.43 0.23
N ASP B 59 12.59 10.36 -0.25
CA ASP B 59 11.19 10.39 0.19
C ASP B 59 10.32 10.85 -0.97
N SER B 60 9.33 10.05 -1.31
CA SER B 60 8.48 10.33 -2.47
C SER B 60 7.57 11.54 -2.28
N THR B 61 7.32 11.96 -1.04
CA THR B 61 6.46 13.08 -0.71
C THR B 61 7.28 14.33 -0.39
N LEU B 62 8.29 14.16 0.45
CA LEU B 62 9.09 15.27 0.94
C LEU B 62 10.25 15.64 0.03
N GLY B 63 10.65 14.75 -0.86
CA GLY B 63 11.85 14.97 -1.63
C GLY B 63 13.08 14.52 -0.86
N THR B 64 14.22 14.66 -1.51
CA THR B 64 15.50 14.19 -0.92
C THR B 64 15.91 15.10 0.25
N PHE B 65 16.31 14.48 1.34
CA PHE B 65 16.77 15.24 2.52
C PHE B 65 18.09 15.91 2.17
N ALA B 66 18.16 17.21 2.42
CA ALA B 66 19.38 17.96 2.07
C ALA B 66 20.52 17.60 3.02
N ALA B 67 20.18 17.12 4.20
CA ALA B 67 21.19 16.73 5.17
C ALA B 67 22.00 15.54 4.69
N ASP B 68 23.25 15.51 5.15
CA ASP B 68 24.15 14.40 4.90
C ASP B 68 23.77 13.21 5.78
N VAL B 69 23.24 12.14 5.18
CA VAL B 69 22.80 10.93 5.88
C VAL B 69 23.78 9.80 5.58
N LYS B 70 24.38 9.25 6.62
CA LYS B 70 25.41 8.25 6.45
C LYS B 70 25.13 7.10 7.39
N ILE B 71 25.59 5.91 6.99
CA ILE B 71 25.66 4.77 7.88
C ILE B 71 27.03 4.81 8.55
N VAL B 72 27.03 4.95 9.88
CA VAL B 72 28.27 5.04 10.65
C VAL B 72 28.85 3.67 10.93
N ASP B 73 28.00 2.74 11.36
CA ASP B 73 28.37 1.36 11.64
C ASP B 73 27.09 0.55 11.65
N ASP B 74 27.16 -0.70 12.11
CA ASP B 74 26.03 -1.60 11.97
C ASP B 74 24.83 -1.24 12.85
N SER B 75 24.97 -0.28 13.76
CA SER B 75 23.80 0.10 14.55
C SER B 75 23.68 1.60 14.74
N HIS B 76 24.36 2.40 13.93
CA HIS B 76 24.28 3.86 13.98
C HIS B 76 24.21 4.46 12.60
N ILE B 77 23.35 5.47 12.45
CA ILE B 77 23.39 6.38 11.34
C ILE B 77 23.84 7.74 11.86
N SER B 78 24.20 8.62 10.93
CA SER B 78 24.42 10.01 11.30
C SER B 78 23.67 10.93 10.35
N VAL B 79 23.19 12.03 10.91
CA VAL B 79 22.54 13.08 10.12
C VAL B 79 23.34 14.36 10.34
N ASP B 80 24.03 14.81 9.31
CA ASP B 80 24.94 15.96 9.41
C ASP B 80 25.93 15.75 10.55
N GLY B 81 26.43 14.53 10.67
CA GLY B 81 27.43 14.18 11.66
C GLY B 81 26.87 13.83 13.02
N LYS B 82 25.60 14.07 13.27
CA LYS B 82 24.99 13.72 14.55
C LYS B 82 24.59 12.25 14.53
N GLN B 83 25.17 11.45 15.40
CA GLN B 83 24.89 10.02 15.36
C GLN B 83 23.62 9.64 16.12
N ILE B 84 22.90 8.67 15.57
CA ILE B 84 21.66 8.16 16.12
C ILE B 84 21.73 6.64 16.11
N LYS B 85 21.41 6.04 17.25
CA LYS B 85 21.36 4.59 17.37
C LYS B 85 20.13 4.02 16.67
N ILE B 86 20.31 2.92 15.94
CA ILE B 86 19.22 2.15 15.36
C ILE B 86 19.07 0.84 16.14
N VAL B 87 17.88 0.63 16.69
CA VAL B 87 17.53 -0.61 17.36
C VAL B 87 16.42 -1.29 16.55
N SER B 88 16.19 -2.57 16.83
CA SER B 88 15.21 -3.26 15.99
C SER B 88 14.55 -4.36 16.83
N SER B 89 13.57 -3.98 17.63
CA SER B 89 12.79 -4.94 18.39
C SER B 89 11.31 -4.64 18.24
N ARG B 90 10.51 -5.69 18.00
CA ARG B 90 9.07 -5.53 17.85
C ARG B 90 8.36 -5.40 19.18
N ASP B 91 9.00 -5.84 20.27
CA ASP B 91 8.42 -5.82 21.60
C ASP B 91 9.08 -4.70 22.39
N PRO B 92 8.36 -3.62 22.74
CA PRO B 92 9.04 -2.51 23.43
C PRO B 92 9.70 -2.91 24.74
N LEU B 93 9.20 -3.96 25.39
CA LEU B 93 9.83 -4.48 26.60
C LEU B 93 11.30 -4.77 26.38
N GLN B 94 11.69 -5.10 25.15
CA GLN B 94 13.06 -5.50 24.84
C GLN B 94 13.94 -4.32 24.45
N LEU B 95 13.39 -3.09 24.39
CA LEU B 95 14.20 -1.99 23.92
C LEU B 95 15.09 -1.47 25.04
N PRO B 96 16.26 -0.97 24.70
CA PRO B 96 17.28 -0.67 25.72
C PRO B 96 17.10 0.72 26.30
N TRP B 97 15.88 1.04 26.79
CA TRP B 97 15.78 2.46 27.05
C TRP B 97 16.38 2.84 28.40
N LYS B 98 16.52 1.89 29.33
CA LYS B 98 17.20 2.19 30.59
C LYS B 98 18.67 2.45 30.34
N GLU B 99 19.31 1.55 29.60
CA GLU B 99 20.70 1.70 29.22
C GLU B 99 20.94 3.00 28.45
N MET B 100 19.99 3.39 27.60
CA MET B 100 20.25 4.61 26.83
C MET B 100 19.72 5.86 27.52
N ASN B 101 19.15 5.73 28.73
CA ASN B 101 18.72 6.90 29.48
C ASN B 101 17.73 7.73 28.68
N ILE B 102 16.68 7.07 28.21
CA ILE B 102 15.68 7.72 27.36
C ILE B 102 14.69 8.47 28.25
N ASP B 103 14.48 9.75 27.94
CA ASP B 103 13.48 10.54 28.62
C ASP B 103 12.11 10.32 27.98
N LEU B 104 12.03 10.50 26.65
CA LEU B 104 10.75 10.57 25.95
C LEU B 104 10.77 9.63 24.75
N VAL B 105 9.75 8.78 24.62
CA VAL B 105 9.53 7.97 23.43
C VAL B 105 8.42 8.60 22.57
N ILE B 106 8.72 8.76 21.29
CA ILE B 106 7.68 9.16 20.30
C ILE B 106 7.11 7.86 19.74
N GLU B 107 5.87 7.57 20.05
CA GLU B 107 5.25 6.31 19.64
C GLU B 107 4.52 6.53 18.31
N GLY B 108 5.16 6.08 17.23
CA GLY B 108 4.65 6.30 15.88
C GLY B 108 4.41 4.98 15.19
N THR B 109 4.15 3.96 15.98
CA THR B 109 3.86 2.67 15.36
C THR B 109 2.41 2.48 14.99
N GLY B 110 1.48 3.20 15.64
CA GLY B 110 0.08 2.89 15.54
C GLY B 110 -0.33 1.62 16.25
N VAL B 111 0.58 1.00 17.00
CA VAL B 111 0.34 -0.28 17.68
C VAL B 111 0.21 -0.09 19.19
N PHE B 112 1.14 0.63 19.80
CA PHE B 112 1.20 0.78 21.26
C PHE B 112 0.58 2.11 21.68
N ILE B 113 -0.75 2.15 21.61
CA ILE B 113 -1.54 3.37 21.71
C ILE B 113 -2.48 3.37 22.91
N ASP B 114 -2.40 2.39 23.80
CA ASP B 114 -3.14 2.42 25.06
C ASP B 114 -2.13 2.33 26.21
N LYS B 115 -2.62 2.36 27.46
CA LYS B 115 -1.68 2.48 28.57
C LYS B 115 -0.79 1.24 28.71
N VAL B 116 -1.35 0.04 28.53
CA VAL B 116 -0.55 -1.18 28.66
C VAL B 116 0.53 -1.18 27.58
N GLY B 117 0.14 -0.87 26.35
CA GLY B 117 1.09 -0.97 25.25
C GLY B 117 2.15 0.11 25.30
N ALA B 118 1.72 1.38 25.35
CA ALA B 118 2.70 2.45 25.48
C ALA B 118 3.50 2.30 26.76
N GLY B 119 2.88 1.75 27.80
CA GLY B 119 3.55 1.60 29.09
C GLY B 119 4.71 0.64 29.06
N LYS B 120 4.74 -0.27 28.06
CA LYS B 120 5.89 -1.14 27.88
C LYS B 120 7.18 -0.35 27.70
N HIS B 121 7.11 0.84 27.05
CA HIS B 121 8.30 1.67 26.94
C HIS B 121 8.77 2.17 28.29
N ILE B 122 7.83 2.42 29.19
CA ILE B 122 8.22 2.91 30.50
C ILE B 122 8.81 1.77 31.31
N GLN B 123 8.18 0.60 31.24
CA GLN B 123 8.74 -0.62 31.83
C GLN B 123 10.15 -0.87 31.31
N ALA B 124 10.38 -0.59 30.03
CA ALA B 124 11.70 -0.76 29.45
C ALA B 124 12.70 0.30 29.90
N GLY B 125 12.25 1.37 30.56
CA GLY B 125 13.19 2.35 31.02
C GLY B 125 12.93 3.79 30.67
N ALA B 126 12.06 4.05 29.69
CA ALA B 126 11.76 5.44 29.37
C ALA B 126 10.92 6.08 30.47
N SER B 127 10.95 7.42 30.52
CA SER B 127 10.15 8.13 31.52
C SER B 127 8.79 8.57 31.01
N LYS B 128 8.63 8.79 29.72
CA LYS B 128 7.43 9.42 29.18
C LYS B 128 7.19 8.90 27.76
N VAL B 129 5.92 8.83 27.36
CA VAL B 129 5.57 8.39 26.01
C VAL B 129 4.58 9.38 25.42
N LEU B 130 4.85 9.81 24.20
CA LEU B 130 4.00 10.73 23.42
C LEU B 130 3.49 9.93 22.23
N ILE B 131 2.19 9.60 22.24
CA ILE B 131 1.57 8.81 21.16
C ILE B 131 1.17 9.74 20.02
N THR B 132 1.61 9.43 18.79
CA THR B 132 1.32 10.27 17.61
C THR B 132 -0.01 9.89 16.97
N ALA B 133 -1.03 9.85 17.79
CA ALA B 133 -2.32 9.30 17.37
C ALA B 133 -3.31 9.43 18.50
N PRO B 134 -4.61 9.33 18.24
CA PRO B 134 -5.59 9.24 19.34
C PRO B 134 -5.20 8.08 20.25
N ALA B 135 -5.32 8.29 21.55
CA ALA B 135 -5.12 7.20 22.49
C ALA B 135 -6.28 6.21 22.46
N LYS B 136 -5.96 4.93 22.66
CA LYS B 136 -7.00 3.92 22.82
C LYS B 136 -7.66 3.95 24.21
N ASP B 137 -7.07 4.65 25.20
CA ASP B 137 -7.61 4.72 26.58
C ASP B 137 -8.15 6.12 26.90
N LYS B 138 -9.36 6.17 27.43
CA LYS B 138 -10.02 7.44 27.75
C LYS B 138 -9.22 8.26 28.78
N ASP B 139 -8.42 7.58 29.59
CA ASP B 139 -7.73 8.31 30.67
C ASP B 139 -6.36 8.82 30.24
N ILE B 140 -5.96 8.57 28.99
CA ILE B 140 -4.70 9.18 28.54
C ILE B 140 -5.03 10.59 28.09
N PRO B 141 -4.38 11.62 28.64
CA PRO B 141 -4.71 12.98 28.24
C PRO B 141 -4.26 13.26 26.81
N THR B 142 -5.06 14.06 26.14
CA THR B 142 -4.86 14.45 24.75
C THR B 142 -4.61 15.95 24.67
N PHE B 143 -3.69 16.36 23.80
CA PHE B 143 -3.33 17.76 23.65
C PHE B 143 -3.29 18.14 22.19
N VAL B 144 -3.74 19.35 21.91
CA VAL B 144 -3.57 19.98 20.62
C VAL B 144 -2.88 21.31 20.85
N VAL B 145 -1.70 21.46 20.28
CA VAL B 145 -0.95 22.70 20.42
C VAL B 145 -1.75 23.82 19.78
N GLY B 146 -1.88 24.94 20.49
CA GLY B 146 -2.71 26.04 20.05
C GLY B 146 -4.08 26.02 20.68
N VAL B 147 -4.42 24.93 21.37
CA VAL B 147 -5.75 24.74 21.94
C VAL B 147 -5.66 24.49 23.44
N ASN B 148 -4.98 23.42 23.86
CA ASN B 148 -4.96 23.11 25.30
C ASN B 148 -3.61 22.67 25.81
N GLU B 149 -2.50 23.02 25.15
CA GLU B 149 -1.21 22.50 25.62
C GLU B 149 -0.77 23.15 26.93
N GLY B 150 -1.35 24.30 27.31
CA GLY B 150 -1.12 24.79 28.66
C GLY B 150 -1.67 23.90 29.77
N ASP B 151 -2.53 22.93 29.46
CA ASP B 151 -3.03 21.99 30.47
C ASP B 151 -2.12 20.79 30.63
N TYR B 152 -1.05 20.70 29.84
CA TYR B 152 -0.09 19.64 30.01
C TYR B 152 0.62 19.78 31.35
N LYS B 153 0.89 18.64 32.00
CA LYS B 153 1.62 18.58 33.27
C LYS B 153 2.71 17.52 33.14
N HIS B 154 3.88 17.80 33.73
CA HIS B 154 4.94 16.80 33.73
C HIS B 154 4.51 15.45 34.32
N GLU B 155 3.52 15.46 35.20
CA GLU B 155 3.12 14.24 35.88
C GLU B 155 2.25 13.32 35.02
N TYR B 156 1.98 13.63 33.75
CA TYR B 156 1.33 12.66 32.86
C TYR B 156 2.41 11.82 32.20
N PRO B 157 2.52 10.52 32.48
CA PRO B 157 3.60 9.73 31.86
C PRO B 157 3.32 9.38 30.41
N ILE B 158 2.04 9.31 30.04
CA ILE B 158 1.64 8.93 28.69
C ILE B 158 0.67 9.99 28.19
N ILE B 159 0.92 10.51 26.98
CA ILE B 159 0.07 11.56 26.42
C ILE B 159 -0.18 11.27 24.95
N SER B 160 -1.23 11.89 24.42
CA SER B 160 -1.57 11.75 23.00
C SER B 160 -1.57 13.13 22.34
N ASN B 161 -1.06 13.19 21.10
CA ASN B 161 -1.13 14.41 20.28
C ASN B 161 -2.34 14.39 19.33
N ALA B 162 -3.34 13.54 19.60
CA ALA B 162 -4.53 13.37 18.77
C ALA B 162 -4.21 12.99 17.32
N SER B 163 -5.21 13.11 16.46
CA SER B 163 -5.03 12.82 15.04
C SER B 163 -4.71 14.10 14.26
N CYS B 164 -4.25 13.91 13.00
CA CYS B 164 -4.04 15.05 12.11
C CYS B 164 -5.32 15.88 11.95
N THR B 165 -6.46 15.20 11.74
CA THR B 165 -7.71 15.93 11.51
C THR B 165 -8.12 16.70 12.75
N THR B 166 -7.96 16.11 13.94
CA THR B 166 -8.30 16.88 15.13
C THR B 166 -7.37 18.09 15.31
N ASN B 167 -6.11 17.97 14.92
CA ASN B 167 -5.22 19.12 14.99
C ASN B 167 -5.58 20.20 13.98
N CYS B 168 -6.15 19.84 12.83
CA CYS B 168 -6.71 20.84 11.93
C CYS B 168 -7.94 21.51 12.52
N LEU B 169 -8.89 20.70 12.98
CA LEU B 169 -10.20 21.19 13.39
C LEU B 169 -10.10 22.04 14.65
N ALA B 170 -9.41 21.52 15.68
CA ALA B 170 -9.60 22.12 17.00
C ALA B 170 -9.15 23.56 17.08
N PRO B 171 -8.06 24.01 16.43
CA PRO B 171 -7.73 25.46 16.54
C PRO B 171 -8.82 26.36 16.00
N PHE B 172 -9.39 26.03 14.85
CA PHE B 172 -10.38 26.98 14.34
C PHE B 172 -11.74 26.77 14.96
N VAL B 173 -12.02 25.57 15.48
CA VAL B 173 -13.23 25.37 16.26
C VAL B 173 -13.15 26.18 17.55
N LYS B 174 -11.96 26.24 18.16
CA LYS B 174 -11.80 27.06 19.37
C LYS B 174 -12.15 28.52 19.09
N VAL B 175 -11.72 29.07 17.95
CA VAL B 175 -12.08 30.44 17.58
C VAL B 175 -13.59 30.57 17.39
N LEU B 176 -14.21 29.62 16.70
CA LEU B 176 -15.65 29.70 16.47
C LEU B 176 -16.42 29.67 17.77
N GLU B 177 -16.01 28.80 18.69
CA GLU B 177 -16.66 28.67 19.98
C GLU B 177 -16.51 29.95 20.80
N GLN B 178 -15.29 30.53 20.81
CA GLN B 178 -15.03 31.80 21.51
C GLN B 178 -15.87 32.95 20.98
N LYS B 179 -15.97 33.10 19.66
CA LYS B 179 -16.58 34.29 19.09
C LYS B 179 -18.07 34.17 18.90
N PHE B 180 -18.55 32.99 18.53
CA PHE B 180 -19.93 32.82 18.12
C PHE B 180 -20.69 31.78 18.90
N GLY B 181 -20.01 30.87 19.61
CA GLY B 181 -20.63 29.75 20.30
C GLY B 181 -21.07 28.68 19.32
N ILE B 182 -20.89 27.40 19.64
CA ILE B 182 -21.32 26.31 18.78
C ILE B 182 -22.51 25.60 19.41
N VAL B 183 -23.55 25.38 18.61
CA VAL B 183 -24.71 24.58 19.00
C VAL B 183 -24.43 23.12 18.66
N LYS B 184 -24.10 22.84 17.39
CA LYS B 184 -23.81 21.50 16.92
C LYS B 184 -23.22 21.63 15.52
N GLY B 185 -22.58 20.58 15.06
CA GLY B 185 -21.98 20.61 13.73
C GLY B 185 -21.52 19.26 13.24
N THR B 186 -21.19 19.24 11.96
CA THR B 186 -20.73 18.02 11.28
C THR B 186 -19.55 18.37 10.39
N MET B 187 -18.71 17.39 10.13
CA MET B 187 -17.50 17.64 9.34
C MET B 187 -17.25 16.48 8.39
N THR B 188 -16.65 16.79 7.26
CA THR B 188 -16.16 15.74 6.36
C THR B 188 -14.73 16.14 6.03
N THR B 189 -13.78 15.26 6.24
CA THR B 189 -12.44 15.52 5.74
C THR B 189 -12.21 14.76 4.45
N THR B 190 -11.78 15.49 3.43
CA THR B 190 -11.36 14.91 2.15
C THR B 190 -9.84 14.73 2.28
N HIS B 191 -9.43 13.48 2.49
CA HIS B 191 -8.14 13.19 3.13
C HIS B 191 -7.25 12.35 2.21
N SER B 192 -5.95 12.67 2.16
CA SER B 192 -5.04 11.83 1.37
C SER B 192 -5.05 10.40 1.89
N TYR B 193 -4.72 9.47 1.01
CA TYR B 193 -4.63 8.09 1.49
C TYR B 193 -3.44 7.94 2.43
N THR B 194 -3.49 6.90 3.27
CA THR B 194 -2.41 6.58 4.19
C THR B 194 -2.06 5.11 4.08
N GLY B 195 -0.97 4.73 4.75
CA GLY B 195 -0.48 3.36 4.70
C GLY B 195 -1.40 2.33 5.30
N ASP B 196 -2.45 2.74 6.01
CA ASP B 196 -3.43 1.78 6.48
C ASP B 196 -4.31 1.26 5.35
N GLN B 197 -4.43 1.98 4.24
CA GLN B 197 -5.22 1.50 3.12
C GLN B 197 -4.39 0.57 2.23
N ARG B 198 -5.10 -0.18 1.39
CA ARG B 198 -4.44 -1.15 0.51
C ARG B 198 -4.19 -0.54 -0.87
N LEU B 199 -3.07 -0.95 -1.48
CA LEU B 199 -2.71 -0.50 -2.82
C LEU B 199 -3.63 -1.07 -3.89
N LEU B 200 -3.87 -2.39 -3.86
CA LEU B 200 -4.91 -2.99 -4.66
C LEU B 200 -5.86 -3.69 -3.71
N ASP B 201 -7.07 -4.01 -4.17
CA ASP B 201 -8.09 -4.59 -3.27
C ASP B 201 -7.50 -5.79 -2.56
N ALA B 202 -7.53 -5.75 -1.24
CA ALA B 202 -6.88 -6.79 -0.44
C ALA B 202 -7.40 -6.80 0.99
N SER B 203 -6.88 -7.69 1.80
CA SER B 203 -7.37 -7.86 3.19
C SER B 203 -7.37 -6.60 4.06
N HIS B 204 -8.48 -6.39 4.77
CA HIS B 204 -8.59 -5.30 5.76
C HIS B 204 -9.86 -5.56 6.61
N ARG B 205 -9.84 -5.29 7.94
CA ARG B 205 -11.02 -5.35 8.80
C ARG B 205 -12.08 -4.39 8.27
N ASP B 206 -11.62 -3.30 7.66
CA ASP B 206 -12.53 -2.29 7.08
C ASP B 206 -12.63 -2.58 5.60
N LEU B 207 -13.82 -3.02 5.18
CA LEU B 207 -14.04 -3.42 3.76
C LEU B 207 -13.93 -2.23 2.79
N ARG B 208 -13.99 -1.00 3.29
CA ARG B 208 -13.73 0.09 2.35
C ARG B 208 -12.23 0.41 2.27
N ARG B 209 -11.51 0.37 3.41
CA ARG B 209 -10.06 0.57 3.37
C ARG B 209 -9.34 -0.59 2.70
N ALA B 210 -10.02 -1.72 2.51
CA ALA B 210 -9.53 -2.82 1.69
C ALA B 210 -9.35 -2.46 0.22
N ARG B 211 -9.99 -1.40 -0.24
CA ARG B 211 -10.06 -1.16 -1.69
C ARG B 211 -8.95 -0.26 -2.20
N ALA B 212 -8.53 -0.52 -3.44
CA ALA B 212 -7.42 0.18 -4.07
C ALA B 212 -7.41 1.70 -3.81
N ALA B 213 -6.41 2.16 -3.05
CA ALA B 213 -6.45 3.51 -2.51
C ALA B 213 -6.25 4.59 -3.55
N ALA B 214 -5.44 4.35 -4.55
CA ALA B 214 -5.19 5.37 -5.55
C ALA B 214 -6.21 5.36 -6.69
N LEU B 215 -7.21 4.50 -6.62
CA LEU B 215 -8.23 4.44 -7.65
C LEU B 215 -9.58 4.96 -7.18
N ASN B 216 -9.76 5.23 -5.89
CA ASN B 216 -11.08 5.34 -5.32
C ASN B 216 -11.19 6.53 -4.39
N ILE B 217 -12.42 7.07 -4.31
CA ILE B 217 -12.86 7.83 -3.14
C ILE B 217 -13.40 6.81 -2.12
N VAL B 218 -12.87 6.81 -0.89
CA VAL B 218 -13.11 5.74 0.07
C VAL B 218 -13.64 6.33 1.37
N PRO B 219 -14.93 6.18 1.65
CA PRO B 219 -15.44 6.66 2.96
C PRO B 219 -14.86 5.84 4.11
N THR B 220 -14.64 6.52 5.24
CA THR B 220 -14.22 5.79 6.42
C THR B 220 -14.62 6.56 7.67
N THR B 221 -14.91 5.83 8.73
CA THR B 221 -15.30 6.51 9.94
C THR B 221 -14.13 7.34 10.46
N THR B 222 -14.47 8.37 11.26
CA THR B 222 -13.42 9.14 11.91
C THR B 222 -13.89 9.52 13.31
N GLY B 223 -12.97 9.45 14.26
CA GLY B 223 -13.25 9.90 15.60
C GLY B 223 -12.83 11.33 15.82
N ALA B 224 -12.39 12.01 14.76
CA ALA B 224 -11.67 13.26 14.95
C ALA B 224 -12.58 14.40 15.35
N ALA B 225 -13.84 14.38 14.94
CA ALA B 225 -14.73 15.46 15.34
C ALA B 225 -15.17 15.28 16.77
N LYS B 226 -15.52 14.04 17.16
CA LYS B 226 -15.78 13.77 18.56
C LYS B 226 -14.57 14.09 19.43
N ALA B 227 -13.36 13.81 18.92
CA ALA B 227 -12.15 14.02 19.71
C ALA B 227 -11.89 15.49 20.03
N VAL B 228 -12.52 16.41 19.31
CA VAL B 228 -12.31 17.81 19.64
C VAL B 228 -12.72 18.08 21.09
N SER B 229 -13.74 17.37 21.57
CA SER B 229 -14.19 17.59 22.95
C SER B 229 -13.18 17.09 23.98
N LEU B 230 -12.18 16.30 23.59
CA LEU B 230 -11.12 15.94 24.54
C LEU B 230 -10.22 17.14 24.82
N VAL B 231 -10.15 18.10 23.91
CA VAL B 231 -9.31 19.26 24.10
C VAL B 231 -10.12 20.53 24.33
N LEU B 232 -11.40 20.53 23.96
CA LEU B 232 -12.35 21.62 24.16
C LEU B 232 -13.59 20.99 24.77
N PRO B 233 -13.60 20.83 26.11
CA PRO B 233 -14.69 20.09 26.76
C PRO B 233 -16.06 20.71 26.61
N SER B 234 -16.16 22.02 26.29
CA SER B 234 -17.47 22.60 26.04
C SER B 234 -18.14 22.02 24.80
N LEU B 235 -17.38 21.33 23.97
CA LEU B 235 -17.90 20.77 22.73
CA LEU B 235 -17.90 20.77 22.73
C LEU B 235 -18.35 19.33 22.86
N LYS B 236 -18.41 18.78 24.09
CA LYS B 236 -18.81 17.40 24.25
C LYS B 236 -20.18 17.17 23.63
N GLY B 237 -20.28 16.15 22.80
CA GLY B 237 -21.51 15.76 22.14
C GLY B 237 -21.98 16.68 21.02
N LYS B 238 -21.18 17.66 20.62
CA LYS B 238 -21.66 18.64 19.67
C LYS B 238 -21.21 18.41 18.24
N LEU B 239 -20.19 17.59 17.99
CA LEU B 239 -19.64 17.43 16.65
C LEU B 239 -19.53 15.97 16.26
N ASN B 240 -19.74 15.70 14.97
CA ASN B 240 -19.43 14.38 14.43
C ASN B 240 -19.03 14.56 12.98
N GLY B 241 -18.58 13.48 12.34
CA GLY B 241 -18.22 13.60 10.95
C GLY B 241 -17.74 12.29 10.38
N ILE B 242 -17.24 12.41 9.15
CA ILE B 242 -16.79 11.29 8.34
C ILE B 242 -15.55 11.72 7.58
N ALA B 243 -14.86 10.74 7.01
CA ALA B 243 -13.73 10.95 6.13
C ALA B 243 -13.99 10.34 4.76
N LEU B 244 -13.45 10.99 3.73
CA LEU B 244 -13.40 10.47 2.38
C LEU B 244 -11.94 10.44 1.98
N ARG B 245 -11.35 9.25 1.88
CA ARG B 245 -9.96 9.13 1.44
C ARG B 245 -9.88 9.21 -0.08
N VAL B 246 -8.97 10.01 -0.62
CA VAL B 246 -8.92 10.22 -2.07
C VAL B 246 -7.50 9.98 -2.58
N PRO B 247 -7.33 9.86 -3.90
CA PRO B 247 -6.04 9.46 -4.46
C PRO B 247 -4.99 10.57 -4.53
N THR B 248 -4.67 11.16 -3.38
CA THR B 248 -3.48 11.99 -3.23
C THR B 248 -2.64 11.46 -2.08
N PRO B 249 -1.32 11.68 -2.10
CA PRO B 249 -0.45 11.05 -1.09
C PRO B 249 -0.24 11.85 0.17
N THR B 250 -0.46 13.17 0.13
CA THR B 250 -0.50 13.94 1.36
C THR B 250 -1.22 15.26 1.07
N VAL B 251 -1.64 15.91 2.16
CA VAL B 251 -2.49 17.10 2.27
C VAL B 251 -3.94 16.66 2.23
N SER B 252 -4.70 17.24 3.14
CA SER B 252 -6.09 16.93 3.34
C SER B 252 -6.83 18.24 3.57
N VAL B 253 -8.17 18.17 3.55
CA VAL B 253 -8.96 19.37 3.75
C VAL B 253 -10.21 19.01 4.55
N VAL B 254 -10.46 19.77 5.64
CA VAL B 254 -11.63 19.68 6.50
C VAL B 254 -12.72 20.63 6.00
N ASP B 255 -13.94 20.13 5.87
CA ASP B 255 -15.14 20.91 5.58
C ASP B 255 -16.04 20.80 6.82
N LEU B 256 -16.13 21.88 7.59
CA LEU B 256 -16.93 21.88 8.81
C LEU B 256 -18.17 22.75 8.62
N VAL B 257 -19.33 22.22 9.04
CA VAL B 257 -20.59 22.95 9.00
C VAL B 257 -21.12 22.99 10.42
N VAL B 258 -21.16 24.18 11.01
CA VAL B 258 -21.64 24.30 12.38
C VAL B 258 -22.78 25.30 12.45
N GLN B 259 -23.72 25.00 13.34
CA GLN B 259 -24.70 25.99 13.75
C GLN B 259 -24.12 26.75 14.95
N VAL B 260 -24.08 28.07 14.85
CA VAL B 260 -23.54 28.91 15.89
C VAL B 260 -24.69 29.61 16.61
N GLU B 261 -24.36 30.15 17.80
CA GLU B 261 -25.34 30.88 18.61
C GLU B 261 -25.51 32.33 18.15
N LYS B 262 -24.41 32.99 17.77
CA LYS B 262 -24.46 34.38 17.34
C LYS B 262 -24.60 34.47 15.83
N LYS B 263 -25.58 35.26 15.37
CA LYS B 263 -25.84 35.43 13.95
C LYS B 263 -24.66 36.19 13.35
N THR B 264 -24.19 35.75 12.19
CA THR B 264 -22.92 36.27 11.67
C THR B 264 -22.95 36.22 10.13
N PHE B 265 -21.79 36.49 9.54
CA PHE B 265 -21.62 36.56 8.10
C PHE B 265 -20.15 36.25 7.80
N ALA B 266 -19.90 35.89 6.53
CA ALA B 266 -18.63 35.24 6.20
C ALA B 266 -17.42 36.10 6.56
N GLU B 267 -17.50 37.41 6.28
CA GLU B 267 -16.38 38.32 6.54
C GLU B 267 -16.05 38.43 8.02
N GLU B 268 -17.08 38.35 8.86
CA GLU B 268 -16.88 38.41 10.30
C GLU B 268 -16.25 37.12 10.83
N VAL B 269 -16.69 35.97 10.29
CA VAL B 269 -16.04 34.71 10.63
C VAL B 269 -14.57 34.75 10.25
N ASN B 270 -14.27 35.17 9.02
CA ASN B 270 -12.88 35.20 8.57
C ASN B 270 -12.07 36.17 9.41
N ALA B 271 -12.71 37.27 9.86
CA ALA B 271 -11.96 38.25 10.64
C ALA B 271 -11.59 37.68 11.98
N ALA B 272 -12.45 36.83 12.57
CA ALA B 272 -12.11 36.14 13.80
C ALA B 272 -10.91 35.22 13.60
N PHE B 273 -10.87 34.50 12.46
CA PHE B 273 -9.73 33.62 12.17
C PHE B 273 -8.47 34.44 11.96
N ARG B 274 -8.56 35.56 11.24
CA ARG B 274 -7.36 36.37 11.01
C ARG B 274 -6.83 36.94 12.31
N GLU B 275 -7.71 37.34 13.23
CA GLU B 275 -7.25 37.83 14.52
C GLU B 275 -6.48 36.76 15.27
N ALA B 276 -6.94 35.52 15.19
CA ALA B 276 -6.26 34.42 15.89
C ALA B 276 -4.93 34.09 15.22
N ALA B 277 -4.93 34.07 13.90
CA ALA B 277 -3.72 33.78 13.14
C ALA B 277 -2.62 34.79 13.42
N ASN B 278 -3.02 36.05 13.62
CA ASN B 278 -2.04 37.10 13.82
C ASN B 278 -1.56 37.19 15.24
N GLY B 279 -2.24 36.50 16.17
CA GLY B 279 -2.00 36.63 17.59
C GLY B 279 -1.78 35.29 18.26
N PRO B 280 -2.72 34.85 19.10
CA PRO B 280 -2.47 33.68 19.96
C PRO B 280 -2.29 32.36 19.22
N MET B 281 -2.66 32.27 17.94
CA MET B 281 -2.51 31.02 17.20
C MET B 281 -1.52 31.15 16.07
N LYS B 282 -0.68 32.19 16.11
CA LYS B 282 0.35 32.36 15.09
C LYS B 282 1.22 31.12 14.98
N GLY B 283 1.43 30.68 13.76
CA GLY B 283 2.19 29.48 13.49
C GLY B 283 1.38 28.20 13.55
N VAL B 284 0.17 28.24 14.10
CA VAL B 284 -0.69 27.09 14.14
C VAL B 284 -1.87 27.25 13.19
N LEU B 285 -2.49 28.43 13.20
CA LEU B 285 -3.62 28.77 12.34
CA LEU B 285 -3.60 28.74 12.32
C LEU B 285 -3.17 29.82 11.34
N HIS B 286 -3.46 29.58 10.05
CA HIS B 286 -3.20 30.47 8.94
C HIS B 286 -4.48 30.73 8.17
N VAL B 287 -4.62 31.94 7.64
CA VAL B 287 -5.72 32.29 6.76
C VAL B 287 -5.14 32.58 5.39
N GLU B 288 -5.56 31.79 4.39
CA GLU B 288 -5.02 31.84 3.04
C GLU B 288 -5.97 32.58 2.12
N ASP B 289 -5.48 33.64 1.48
CA ASP B 289 -6.28 34.42 0.58
C ASP B 289 -6.07 34.11 -0.89
N ALA B 290 -4.98 33.43 -1.24
CA ALA B 290 -4.79 33.10 -2.65
C ALA B 290 -5.61 31.87 -3.05
N PRO B 291 -5.94 31.74 -4.31
CA PRO B 291 -6.74 30.60 -4.77
C PRO B 291 -5.87 29.39 -5.09
N LEU B 292 -5.63 28.58 -4.07
CA LEU B 292 -4.65 27.51 -4.13
C LEU B 292 -5.32 26.14 -4.21
N VAL B 293 -4.50 25.10 -4.40
CA VAL B 293 -4.97 23.74 -4.43
C VAL B 293 -4.12 22.91 -3.46
N SER B 294 -4.47 21.63 -3.30
CA SER B 294 -3.90 20.86 -2.21
C SER B 294 -2.38 20.89 -2.20
N ILE B 295 -1.73 20.75 -3.37
CA ILE B 295 -0.30 20.53 -3.30
C ILE B 295 0.43 21.79 -2.88
N ASP B 296 -0.23 22.95 -2.95
CA ASP B 296 0.37 24.18 -2.44
C ASP B 296 0.55 24.17 -0.93
N PHE B 297 -0.16 23.29 -0.20
CA PHE B 297 -0.02 23.23 1.24
C PHE B 297 0.92 22.14 1.69
N LYS B 298 1.62 21.46 0.76
CA LYS B 298 2.63 20.49 1.16
C LYS B 298 3.76 21.17 1.93
N CYS B 299 4.15 20.53 3.06
CA CYS B 299 5.28 21.00 3.87
CA CYS B 299 5.29 21.01 3.84
C CYS B 299 5.04 22.41 4.38
N THR B 300 3.81 22.69 4.73
CA THR B 300 3.48 23.90 5.46
C THR B 300 3.48 23.55 6.95
N ASP B 301 4.01 24.48 7.76
CA ASP B 301 4.22 24.17 9.17
C ASP B 301 2.99 24.37 10.02
N GLN B 302 2.01 25.14 9.59
CA GLN B 302 0.81 25.36 10.37
C GLN B 302 -0.06 24.10 10.41
N SER B 303 -0.91 24.02 11.43
CA SER B 303 -1.85 22.91 11.53
C SER B 303 -3.06 23.09 10.64
N THR B 304 -3.41 24.35 10.33
CA THR B 304 -4.71 24.71 9.78
C THR B 304 -4.50 25.88 8.83
N SER B 305 -4.92 25.77 7.56
CA SER B 305 -4.97 26.92 6.65
C SER B 305 -6.40 27.14 6.20
N ILE B 306 -7.05 28.17 6.74
CA ILE B 306 -8.42 28.51 6.32
C ILE B 306 -8.40 28.99 4.88
N ASP B 307 -9.22 28.39 4.01
CA ASP B 307 -9.39 28.88 2.65
C ASP B 307 -10.42 30.00 2.73
N ALA B 308 -9.96 31.25 2.85
CA ALA B 308 -10.86 32.36 3.19
C ALA B 308 -11.99 32.54 2.19
N SER B 309 -11.72 32.39 0.88
CA SER B 309 -12.78 32.62 -0.09
C SER B 309 -13.85 31.56 -0.07
N LEU B 310 -13.62 30.45 0.65
CA LEU B 310 -14.64 29.40 0.70
C LEU B 310 -15.53 29.50 1.92
N THR B 311 -15.21 30.39 2.85
CA THR B 311 -16.08 30.58 4.02
C THR B 311 -17.48 31.02 3.59
N MET B 312 -18.49 30.36 4.14
CA MET B 312 -19.89 30.65 3.77
C MET B 312 -20.77 30.65 5.03
N VAL B 313 -21.78 31.50 5.04
CA VAL B 313 -22.78 31.52 6.15
C VAL B 313 -24.16 31.45 5.49
N MET B 314 -24.95 30.48 5.92
CA MET B 314 -26.33 30.35 5.42
C MET B 314 -27.32 30.62 6.54
N GLY B 315 -28.34 31.41 6.23
CA GLY B 315 -29.41 31.58 7.22
C GLY B 315 -28.91 32.05 8.56
N ASP B 316 -27.93 32.97 8.56
CA ASP B 316 -27.42 33.71 9.70
C ASP B 316 -26.48 32.91 10.59
N ASP B 317 -26.76 31.63 10.79
CA ASP B 317 -26.11 30.89 11.87
C ASP B 317 -25.58 29.54 11.42
N MET B 318 -25.62 29.21 10.14
CA MET B 318 -24.98 27.99 9.64
C MET B 318 -23.68 28.39 8.95
N VAL B 319 -22.55 28.05 9.56
CA VAL B 319 -21.22 28.49 9.13
C VAL B 319 -20.50 27.31 8.51
N LYS B 320 -20.01 27.49 7.31
CA LYS B 320 -19.19 26.50 6.61
C LYS B 320 -17.75 27.03 6.48
N VAL B 321 -16.79 26.24 6.93
CA VAL B 321 -15.37 26.59 6.89
C VAL B 321 -14.61 25.44 6.25
N VAL B 322 -13.69 25.80 5.35
CA VAL B 322 -12.84 24.84 4.65
C VAL B 322 -11.40 25.10 5.03
N ALA B 323 -10.69 24.07 5.52
CA ALA B 323 -9.35 24.27 6.02
C ALA B 323 -8.42 23.16 5.56
N TRP B 324 -7.27 23.54 5.02
CA TRP B 324 -6.24 22.64 4.51
C TRP B 324 -5.28 22.25 5.62
N TYR B 325 -4.71 21.04 5.54
CA TYR B 325 -3.71 20.60 6.49
C TYR B 325 -2.82 19.57 5.83
N ASP B 326 -1.49 19.73 6.00
CA ASP B 326 -0.62 18.64 5.57
C ASP B 326 -0.59 17.63 6.72
N ASN B 327 -1.31 16.52 6.50
CA ASN B 327 -1.53 15.50 7.53
C ASN B 327 -0.25 14.80 7.92
N GLU B 328 0.82 14.88 7.11
CA GLU B 328 2.10 14.31 7.54
C GLU B 328 2.97 15.38 8.19
N TRP B 329 3.28 16.44 7.44
CA TRP B 329 4.32 17.36 7.88
C TRP B 329 3.82 18.35 8.93
N GLY B 330 2.62 18.92 8.75
CA GLY B 330 2.12 19.85 9.75
C GLY B 330 1.86 19.13 11.06
N TYR B 331 1.33 17.91 10.96
CA TYR B 331 1.07 17.14 12.17
C TYR B 331 2.39 16.85 12.89
N SER B 332 3.42 16.48 12.11
CA SER B 332 4.71 16.19 12.71
C SER B 332 5.36 17.43 13.33
N GLN B 333 5.13 18.62 12.77
CA GLN B 333 5.60 19.82 13.47
C GLN B 333 4.91 19.95 14.83
N ARG B 334 3.62 19.60 14.91
CA ARG B 334 2.93 19.63 16.20
C ARG B 334 3.48 18.57 17.17
N VAL B 335 3.88 17.41 16.65
CA VAL B 335 4.50 16.42 17.54
C VAL B 335 5.80 16.98 18.10
N VAL B 336 6.61 17.61 17.26
CA VAL B 336 7.82 18.26 17.75
C VAL B 336 7.47 19.29 18.81
N ASP B 337 6.48 20.16 18.50
CA ASP B 337 6.03 21.18 19.44
C ASP B 337 5.59 20.59 20.78
N LEU B 338 4.80 19.50 20.76
CA LEU B 338 4.33 18.94 22.02
C LEU B 338 5.48 18.29 22.79
N ALA B 339 6.43 17.69 22.07
CA ALA B 339 7.60 17.16 22.75
C ALA B 339 8.42 18.28 23.38
N GLU B 340 8.51 19.43 22.71
CA GLU B 340 9.21 20.58 23.28
C GLU B 340 8.52 21.08 24.54
N VAL B 341 7.18 21.04 24.56
CA VAL B 341 6.46 21.39 25.79
C VAL B 341 6.88 20.47 26.93
N THR B 342 6.97 19.15 26.67
CA THR B 342 7.39 18.25 27.74
C THR B 342 8.79 18.58 28.21
N ALA B 343 9.66 19.01 27.31
CA ALA B 343 11.00 19.41 27.74
C ALA B 343 10.96 20.65 28.62
N LYS B 344 10.26 21.67 28.16
CA LYS B 344 10.10 22.90 29.00
CA LYS B 344 10.09 22.90 29.00
C LYS B 344 9.54 22.76 30.46
N LYS B 345 8.65 21.76 30.56
CA LYS B 345 8.00 21.54 31.87
C LYS B 345 8.67 20.39 32.64
N TRP B 346 9.78 19.90 32.14
CA TRP B 346 10.45 18.77 32.83
C TRP B 346 10.80 19.21 34.25
N VAL B 347 10.41 18.40 35.22
CA VAL B 347 10.60 18.75 36.63
C VAL B 347 11.98 18.31 37.08
N ALA B 348 12.69 19.19 37.79
CA ALA B 348 14.01 18.88 38.32
C ALA B 348 13.91 17.81 39.39
PA NDP C . -2.19 -10.78 -3.20
O1A NDP C . -1.31 -10.21 -2.15
O2A NDP C . -3.32 -10.01 -3.78
O5B NDP C . -2.80 -12.26 -2.81
C5B NDP C . -1.99 -12.96 -1.91
C4B NDP C . -3.05 -13.72 -1.06
O4B NDP C . -2.46 -14.75 -0.30
C3B NDP C . -3.81 -12.74 -0.10
O3B NDP C . -5.15 -13.05 -0.15
C2B NDP C . -3.26 -13.12 1.29
O2B NDP C . -4.18 -12.99 2.26
C1B NDP C . -3.00 -14.66 1.03
N9A NDP C . -2.04 -15.27 1.92
C8A NDP C . -0.77 -14.86 2.20
N7A NDP C . -0.13 -15.69 3.10
C5A NDP C . -1.10 -16.69 3.34
C6A NDP C . -1.09 -17.83 4.15
N6A NDP C . 0.02 -18.16 4.88
N1A NDP C . -2.17 -18.66 4.19
C2A NDP C . -3.25 -18.29 3.44
N3A NDP C . -3.41 -17.21 2.63
C4A NDP C . -2.29 -16.44 2.62
O3 NDP C . -1.01 -11.10 -4.35
PN NDP C . -1.39 -11.53 -5.89
O1N NDP C . -1.02 -10.38 -6.75
O2N NDP C . -2.69 -12.26 -6.08
O5D NDP C . -0.16 -12.63 -6.20
C5D NDP C . -0.31 -13.87 -5.62
C4D NDP C . 0.70 -14.82 -6.37
O4D NDP C . 0.49 -14.78 -7.79
C3D NDP C . 2.18 -14.38 -6.15
O3D NDP C . 3.00 -15.51 -6.18
C2D NDP C . 2.42 -13.49 -7.39
O2D NDP C . 3.79 -13.40 -7.79
C1D NDP C . 1.66 -14.31 -8.45
N1N NDP C . 1.27 -13.52 -9.60
C2N NDP C . 0.76 -12.20 -9.49
C3N NDP C . 0.41 -11.57 -10.68
C7N NDP C . -0.13 -10.22 -10.65
O7N NDP C . 0.03 -9.48 -11.65
N7N NDP C . -0.81 -9.75 -9.54
C4N NDP C . 0.57 -12.17 -12.02
C5N NDP C . 1.08 -13.52 -12.02
C6N NDP C . 1.39 -14.15 -10.87
P2B NDP C . -3.64 -12.22 3.71
O1X NDP C . -4.63 -12.90 4.61
O2X NDP C . -2.18 -12.61 3.92
O3X NDP C . -3.92 -10.78 3.41
S SO4 D . 4.62 -9.88 -7.24
O1 SO4 D . 4.27 -10.70 -8.40
O2 SO4 D . 3.68 -10.11 -6.14
O3 SO4 D . 5.99 -10.20 -6.82
O4 SO4 D . 4.58 -8.49 -7.66
S SO4 E . 8.83 -11.75 -13.00
O1 SO4 E . 8.65 -12.66 -14.13
O2 SO4 E . 7.65 -11.80 -12.14
O3 SO4 E . 9.01 -10.40 -13.52
O4 SO4 E . 9.98 -12.20 -12.19
S SO4 F . 1.99 -5.08 -40.56
O1 SO4 F . 1.27 -5.02 -39.29
O2 SO4 F . 1.60 -6.34 -41.21
O3 SO4 F . 3.44 -5.04 -40.37
O4 SO4 F . 1.57 -3.92 -41.26
S SO4 G . 1.56 -14.76 8.59
O1 SO4 G . 0.74 -15.98 8.57
O2 SO4 G . 1.68 -14.23 7.23
O3 SO4 G . 0.92 -13.75 9.44
O4 SO4 G . 2.87 -15.08 9.14
PA NDP H . 3.44 3.82 8.84
O1A NDP H . 2.82 2.53 8.52
O2A NDP H . 4.13 4.63 7.77
O5B NDP H . 4.53 3.79 10.04
C5B NDP H . 4.26 2.71 11.02
C4B NDP H . 5.68 2.36 11.48
O4B NDP H . 5.69 1.58 12.71
C3B NDP H . 6.35 1.55 10.38
O3B NDP H . 7.66 2.04 10.23
C2B NDP H . 6.41 0.11 10.94
O2B NDP H . 7.51 -0.54 10.53
C1B NDP H . 6.53 0.47 12.46
N9A NDP H . 6.04 -0.56 13.37
C8A NDP H . 4.83 -1.22 13.36
N7A NDP H . 4.70 -2.13 14.36
C5A NDP H . 5.93 -2.06 15.02
C6A NDP H . 6.45 -2.69 16.15
N6A NDP H . 5.73 -3.66 16.81
N1A NDP H . 7.69 -2.35 16.59
C2A NDP H . 8.39 -1.43 15.93
N3A NDP H . 8.05 -0.71 14.84
C4A NDP H . 6.77 -1.06 14.45
O3 NDP H . 2.15 4.62 9.37
PN NDP H . 2.14 6.24 9.69
O1N NDP H . 1.27 6.86 8.66
O2N NDP H . 3.46 6.87 10.03
O5D NDP H . 1.18 6.28 11.09
C5D NDP H . 1.83 5.97 12.28
C4D NDP H . 0.95 6.48 13.42
O4D NDP H . 0.73 7.91 13.26
C3D NDP H . -0.47 5.84 13.38
O3D NDP H . -0.93 5.78 14.76
C2D NDP H . -1.29 6.89 12.60
O2D NDP H . -2.64 6.87 12.95
C1D NDP H . -0.65 8.18 13.13
N1N NDP H . -0.85 9.37 12.25
C2N NDP H . -0.68 9.29 10.87
C3N NDP H . -0.85 10.42 10.10
C7N NDP H . -0.72 10.36 8.68
O7N NDP H . -1.28 11.20 7.96
N7N NDP H . 0.11 9.43 8.13
C4N NDP H . -1.24 11.74 10.68
C5N NDP H . -1.36 11.71 12.14
C6N NDP H . -1.17 10.58 12.85
P2B NDP H . 7.28 -2.23 10.09
O1X NDP H . 8.64 -2.65 10.54
O2X NDP H . 6.12 -2.74 10.95
O3X NDP H . 7.05 -2.12 8.62
S SO4 I . -4.25 5.78 9.84
O1 SO4 I . -4.98 4.64 10.40
O2 SO4 I . -4.87 6.16 8.56
O3 SO4 I . -2.87 5.31 9.62
O4 SO4 I . -4.26 6.91 10.75
S SO4 J . -9.18 9.70 12.70
O1 SO4 J . -9.76 10.23 11.46
O2 SO4 J . -9.95 8.54 13.20
O3 SO4 J . -9.17 10.75 13.71
O4 SO4 J . -7.81 9.29 12.38
S SO4 K . -12.72 38.05 3.78
O1 SO4 K . -13.96 37.46 4.31
O2 SO4 K . -11.87 37.01 3.20
O3 SO4 K . -12.02 38.62 4.92
O4 SO4 K . -13.03 39.07 2.79
#